data_1D18
# 
_entry.id   1D18 
# 
_audit_conform.dict_name       mmcif_pdbx.dic 
_audit_conform.dict_version    5.392 
_audit_conform.dict_location   http://mmcif.pdb.org/dictionaries/ascii/mmcif_pdbx.dic 
# 
loop_
_database_2.database_id 
_database_2.database_code 
_database_2.pdbx_database_accession 
_database_2.pdbx_DOI 
PDB   1D18         pdb_00001d18 10.2210/pdb1d18/pdb 
WWPDB D_1000172623 ?            ?                   
# 
loop_
_pdbx_audit_revision_history.ordinal 
_pdbx_audit_revision_history.data_content_type 
_pdbx_audit_revision_history.major_revision 
_pdbx_audit_revision_history.minor_revision 
_pdbx_audit_revision_history.revision_date 
1 'Structure model' 1 0 1991-07-15 
2 'Structure model' 1 1 2008-03-24 
3 'Structure model' 1 2 2011-07-13 
4 'Structure model' 1 3 2022-02-16 
5 'Structure model' 1 4 2024-05-22 
# 
_pdbx_audit_revision_details.ordinal             1 
_pdbx_audit_revision_details.revision_ordinal    1 
_pdbx_audit_revision_details.data_content_type   'Structure model' 
_pdbx_audit_revision_details.provider            repository 
_pdbx_audit_revision_details.type                'Initial release' 
_pdbx_audit_revision_details.description         ? 
_pdbx_audit_revision_details.details             ? 
# 
loop_
_pdbx_audit_revision_group.ordinal 
_pdbx_audit_revision_group.revision_ordinal 
_pdbx_audit_revision_group.data_content_type 
_pdbx_audit_revision_group.group 
1 2 'Structure model' 'Version format compliance' 
2 3 'Structure model' 'Version format compliance' 
3 4 'Structure model' 'Database references'       
4 4 'Structure model' 'Derived calculations'      
5 4 'Structure model' Other                       
6 5 'Structure model' 'Data collection'           
# 
loop_
_pdbx_audit_revision_category.ordinal 
_pdbx_audit_revision_category.revision_ordinal 
_pdbx_audit_revision_category.data_content_type 
_pdbx_audit_revision_category.category 
1 4 'Structure model' database_2            
2 4 'Structure model' pdbx_database_status  
3 4 'Structure model' pdbx_struct_assembly  
4 4 'Structure model' pdbx_struct_oper_list 
5 5 'Structure model' chem_comp_atom        
6 5 'Structure model' chem_comp_bond        
# 
loop_
_pdbx_audit_revision_item.ordinal 
_pdbx_audit_revision_item.revision_ordinal 
_pdbx_audit_revision_item.data_content_type 
_pdbx_audit_revision_item.item 
1 4 'Structure model' '_database_2.pdbx_DOI'                
2 4 'Structure model' '_database_2.pdbx_database_accession' 
3 4 'Structure model' '_pdbx_database_status.process_site'  
# 
_pdbx_database_status.status_code                     REL 
_pdbx_database_status.entry_id                        1D18 
_pdbx_database_status.recvd_initial_deposition_date   1990-08-01 
_pdbx_database_status.deposit_site                    ? 
_pdbx_database_status.process_site                    BNL 
_pdbx_database_status.status_code_sf                  ? 
_pdbx_database_status.status_code_mr                  REL 
_pdbx_database_status.SG_entry                        ? 
_pdbx_database_status.pdb_format_compatible           Y 
_pdbx_database_status.status_code_cs                  ? 
_pdbx_database_status.status_code_nmr_data            ? 
_pdbx_database_status.methods_development_category    ? 
# 
_pdbx_database_related.db_name        PDB 
_pdbx_database_related.db_id          1D19 
_pdbx_database_related.details        . 
_pdbx_database_related.content_type   unspecified 
# 
loop_
_audit_author.name 
_audit_author.pdbx_ordinal 
'Baleja, J.D.' 1 
'Sykes, B.D.'  2 
# 
loop_
_citation.id 
_citation.title 
_citation.journal_abbrev 
_citation.journal_volume 
_citation.page_first 
_citation.page_last 
_citation.year 
_citation.journal_id_ASTM 
_citation.country 
_citation.journal_id_ISSN 
_citation.journal_id_CSD 
_citation.book_publisher 
_citation.pdbx_database_id_PubMed 
_citation.pdbx_database_id_DOI 
primary 
;Solution conformation of purine-pyrimidine DNA octamers using nuclear magnetic resonance, restrained molecular dynamics and NOE-based refinement.
;
J.Mol.Biol.   215 411 428 1990 JMOBAK UK 0022-2836 0070 ? 2231713 '10.1016/S0022-2836(05)80361-4' 
1       'Distance Measurement and Structure Refinement with Noe Data' J.Magn.Reson. 87  375 ?   1990 JOMRA4 US 0022-2364 0624 ? ? 
?                               
# 
loop_
_citation_author.citation_id 
_citation_author.name 
_citation_author.ordinal 
_citation_author.identifier_ORCID 
primary 'Baleja, J.D.'       1 ? 
primary 'Germann, M.W.'      2 ? 
primary 'van de Sande, J.H.' 3 ? 
primary 'Sykes, B.D.'        4 ? 
1       'Baleja, J.D.'       5 ? 
1       'Moult, J.'          6 ? 
1       'Sykes, B.D.'        7 ? 
# 
_entity.id                         1 
_entity.type                       polymer 
_entity.src_method                 syn 
_entity.pdbx_description           
;DNA (5'-D(*CP*AP*TP*GP*CP*AP*TP*G)-3')
;
_entity.formula_weight             2426.617 
_entity.pdbx_number_of_molecules   2 
_entity.pdbx_ec                    ? 
_entity.pdbx_mutation              ? 
_entity.pdbx_fragment              ? 
_entity.details                    ? 
# 
_entity_keywords.entity_id   1 
_entity_keywords.text        'DEOXYRIBONUCLEIC ACID' 
# 
_entity_poly.entity_id                      1 
_entity_poly.type                           polydeoxyribonucleotide 
_entity_poly.nstd_linkage                   no 
_entity_poly.nstd_monomer                   no 
_entity_poly.pdbx_seq_one_letter_code       '(DC)(DA)(DT)(DG)(DC)(DA)(DT)(DG)' 
_entity_poly.pdbx_seq_one_letter_code_can   CATGCATG 
_entity_poly.pdbx_strand_id                 A,B 
_entity_poly.pdbx_target_identifier         ? 
# 
loop_
_entity_poly_seq.entity_id 
_entity_poly_seq.num 
_entity_poly_seq.mon_id 
_entity_poly_seq.hetero 
1 1 DC n 
1 2 DA n 
1 3 DT n 
1 4 DG n 
1 5 DC n 
1 6 DA n 
1 7 DT n 
1 8 DG n 
# 
_pdbx_entity_src_syn.entity_id              1 
_pdbx_entity_src_syn.pdbx_src_id            1 
_pdbx_entity_src_syn.pdbx_alt_source_flag   sample 
_pdbx_entity_src_syn.pdbx_beg_seq_num       ? 
_pdbx_entity_src_syn.pdbx_end_seq_num       ? 
_pdbx_entity_src_syn.organism_scientific    ? 
_pdbx_entity_src_syn.organism_common_name   ? 
_pdbx_entity_src_syn.ncbi_taxonomy_id       ? 
_pdbx_entity_src_syn.details                'CHEMICALLY SYNTHESIZED' 
# 
loop_
_chem_comp.id 
_chem_comp.type 
_chem_comp.mon_nstd_flag 
_chem_comp.name 
_chem_comp.pdbx_synonyms 
_chem_comp.formula 
_chem_comp.formula_weight 
DA 'DNA linking' y "2'-DEOXYADENOSINE-5'-MONOPHOSPHATE" ? 'C10 H14 N5 O6 P' 331.222 
DC 'DNA linking' y "2'-DEOXYCYTIDINE-5'-MONOPHOSPHATE"  ? 'C9 H14 N3 O7 P'  307.197 
DG 'DNA linking' y "2'-DEOXYGUANOSINE-5'-MONOPHOSPHATE" ? 'C10 H14 N5 O7 P' 347.221 
DT 'DNA linking' y "THYMIDINE-5'-MONOPHOSPHATE"         ? 'C10 H15 N2 O8 P' 322.208 
# 
loop_
_pdbx_poly_seq_scheme.asym_id 
_pdbx_poly_seq_scheme.entity_id 
_pdbx_poly_seq_scheme.seq_id 
_pdbx_poly_seq_scheme.mon_id 
_pdbx_poly_seq_scheme.ndb_seq_num 
_pdbx_poly_seq_scheme.pdb_seq_num 
_pdbx_poly_seq_scheme.auth_seq_num 
_pdbx_poly_seq_scheme.pdb_mon_id 
_pdbx_poly_seq_scheme.auth_mon_id 
_pdbx_poly_seq_scheme.pdb_strand_id 
_pdbx_poly_seq_scheme.pdb_ins_code 
_pdbx_poly_seq_scheme.hetero 
A 1 1 DC 1 1  1  DC C A . n 
A 1 2 DA 2 2  2  DA A A . n 
A 1 3 DT 3 3  3  DT T A . n 
A 1 4 DG 4 4  4  DG G A . n 
A 1 5 DC 5 5  5  DC C A . n 
A 1 6 DA 6 6  6  DA A A . n 
A 1 7 DT 7 7  7  DT T A . n 
A 1 8 DG 8 8  8  DG G A . n 
B 1 1 DC 1 9  9  DC C B . n 
B 1 2 DA 2 10 10 DA A B . n 
B 1 3 DT 3 11 11 DT T B . n 
B 1 4 DG 4 12 12 DG G B . n 
B 1 5 DC 5 13 13 DC C B . n 
B 1 6 DA 6 14 14 DA A B . n 
B 1 7 DT 7 15 15 DT T B . n 
B 1 8 DG 8 16 16 DG G B . n 
# 
_cell.entry_id           1D18 
_cell.length_a           1.000 
_cell.length_b           1.000 
_cell.length_c           1.000 
_cell.angle_alpha        90.00 
_cell.angle_beta         90.00 
_cell.angle_gamma        90.00 
_cell.Z_PDB              1 
_cell.pdbx_unique_axis   ? 
# 
_symmetry.entry_id                         1D18 
_symmetry.space_group_name_H-M             'P 1' 
_symmetry.pdbx_full_space_group_name_H-M   ? 
_symmetry.cell_setting                     ? 
_symmetry.Int_Tables_number                1 
# 
_exptl.entry_id          1D18 
_exptl.method            'SOLUTION NMR' 
_exptl.crystals_number   ? 
# 
_struct.entry_id                  1D18 
_struct.title                     
;SOLUTION CONFORMATION OF PURINE-PYRIMIDINE DNA OCTAMERS USING NUCLEAR MAGNETIC RESONANCE, RESTRAINED MOLECULAR DYNAMICS AND NOE-BASED REFINEMENT
;
_struct.pdbx_model_details        ? 
_struct.pdbx_CASP_flag            ? 
_struct.pdbx_model_type_details   ? 
# 
_struct_keywords.entry_id        1D18 
_struct_keywords.pdbx_keywords   DNA 
_struct_keywords.text            'DNA, DOUBLE HELIX' 
# 
loop_
_struct_asym.id 
_struct_asym.pdbx_blank_PDB_chainid_flag 
_struct_asym.pdbx_modified 
_struct_asym.entity_id 
_struct_asym.details 
A N N 1 ? 
B N N 1 ? 
# 
_struct_ref.id                         1 
_struct_ref.entity_id                  1 
_struct_ref.db_name                    PDB 
_struct_ref.db_code                    1D18 
_struct_ref.pdbx_db_accession          1D18 
_struct_ref.pdbx_db_isoform            ? 
_struct_ref.pdbx_seq_one_letter_code   ? 
_struct_ref.pdbx_align_begin           ? 
# 
loop_
_struct_ref_seq.align_id 
_struct_ref_seq.ref_id 
_struct_ref_seq.pdbx_PDB_id_code 
_struct_ref_seq.pdbx_strand_id 
_struct_ref_seq.seq_align_beg 
_struct_ref_seq.pdbx_seq_align_beg_ins_code 
_struct_ref_seq.seq_align_end 
_struct_ref_seq.pdbx_seq_align_end_ins_code 
_struct_ref_seq.pdbx_db_accession 
_struct_ref_seq.db_align_beg 
_struct_ref_seq.pdbx_db_align_beg_ins_code 
_struct_ref_seq.db_align_end 
_struct_ref_seq.pdbx_db_align_end_ins_code 
_struct_ref_seq.pdbx_auth_seq_align_beg 
_struct_ref_seq.pdbx_auth_seq_align_end 
1 1 1D18 A 1 ? 8 ? 1D18 1 ? 8  ? 1 8  
2 1 1D18 B 1 ? 8 ? 1D18 9 ? 16 ? 9 16 
# 
_pdbx_struct_assembly.id                   1 
_pdbx_struct_assembly.details              author_defined_assembly 
_pdbx_struct_assembly.method_details       ? 
_pdbx_struct_assembly.oligomeric_details   dimeric 
_pdbx_struct_assembly.oligomeric_count     2 
# 
_pdbx_struct_assembly_gen.assembly_id       1 
_pdbx_struct_assembly_gen.oper_expression   1 
_pdbx_struct_assembly_gen.asym_id_list      A,B 
# 
_pdbx_struct_oper_list.id                   1 
_pdbx_struct_oper_list.type                 'identity operation' 
_pdbx_struct_oper_list.name                 1_555 
_pdbx_struct_oper_list.symmetry_operation   x,y,z 
_pdbx_struct_oper_list.matrix[1][1]         1.0000000000 
_pdbx_struct_oper_list.matrix[1][2]         0.0000000000 
_pdbx_struct_oper_list.matrix[1][3]         0.0000000000 
_pdbx_struct_oper_list.vector[1]            0.0000000000 
_pdbx_struct_oper_list.matrix[2][1]         0.0000000000 
_pdbx_struct_oper_list.matrix[2][2]         1.0000000000 
_pdbx_struct_oper_list.matrix[2][3]         0.0000000000 
_pdbx_struct_oper_list.vector[2]            0.0000000000 
_pdbx_struct_oper_list.matrix[3][1]         0.0000000000 
_pdbx_struct_oper_list.matrix[3][2]         0.0000000000 
_pdbx_struct_oper_list.matrix[3][3]         1.0000000000 
_pdbx_struct_oper_list.vector[3]            0.0000000000 
# 
_struct_biol.id   1 
# 
loop_
_struct_conn.id 
_struct_conn.conn_type_id 
_struct_conn.pdbx_leaving_atom_flag 
_struct_conn.pdbx_PDB_id 
_struct_conn.ptnr1_label_asym_id 
_struct_conn.ptnr1_label_comp_id 
_struct_conn.ptnr1_label_seq_id 
_struct_conn.ptnr1_label_atom_id 
_struct_conn.pdbx_ptnr1_label_alt_id 
_struct_conn.pdbx_ptnr1_PDB_ins_code 
_struct_conn.pdbx_ptnr1_standard_comp_id 
_struct_conn.ptnr1_symmetry 
_struct_conn.ptnr2_label_asym_id 
_struct_conn.ptnr2_label_comp_id 
_struct_conn.ptnr2_label_seq_id 
_struct_conn.ptnr2_label_atom_id 
_struct_conn.pdbx_ptnr2_label_alt_id 
_struct_conn.pdbx_ptnr2_PDB_ins_code 
_struct_conn.ptnr1_auth_asym_id 
_struct_conn.ptnr1_auth_comp_id 
_struct_conn.ptnr1_auth_seq_id 
_struct_conn.ptnr2_auth_asym_id 
_struct_conn.ptnr2_auth_comp_id 
_struct_conn.ptnr2_auth_seq_id 
_struct_conn.ptnr2_symmetry 
_struct_conn.pdbx_ptnr3_label_atom_id 
_struct_conn.pdbx_ptnr3_label_seq_id 
_struct_conn.pdbx_ptnr3_label_comp_id 
_struct_conn.pdbx_ptnr3_label_asym_id 
_struct_conn.pdbx_ptnr3_label_alt_id 
_struct_conn.pdbx_ptnr3_PDB_ins_code 
_struct_conn.details 
_struct_conn.pdbx_dist_value 
_struct_conn.pdbx_value_order 
_struct_conn.pdbx_role 
hydrog1  hydrog ? ? A DC 1 N3 ? ? ? 1_555 B DG 8 N1 ? ? A DC 1 B DG 16 1_555 ? ? ? ? ? ? WATSON-CRICK ? ? ? 
hydrog2  hydrog ? ? A DC 1 N4 ? ? ? 1_555 B DG 8 O6 ? ? A DC 1 B DG 16 1_555 ? ? ? ? ? ? WATSON-CRICK ? ? ? 
hydrog3  hydrog ? ? A DC 1 O2 ? ? ? 1_555 B DG 8 N2 ? ? A DC 1 B DG 16 1_555 ? ? ? ? ? ? WATSON-CRICK ? ? ? 
hydrog4  hydrog ? ? A DA 2 N1 ? ? ? 1_555 B DT 7 N3 ? ? A DA 2 B DT 15 1_555 ? ? ? ? ? ? WATSON-CRICK ? ? ? 
hydrog5  hydrog ? ? A DA 2 N6 ? ? ? 1_555 B DT 7 O4 ? ? A DA 2 B DT 15 1_555 ? ? ? ? ? ? WATSON-CRICK ? ? ? 
hydrog6  hydrog ? ? A DT 3 N3 ? ? ? 1_555 B DA 6 N1 ? ? A DT 3 B DA 14 1_555 ? ? ? ? ? ? WATSON-CRICK ? ? ? 
hydrog7  hydrog ? ? A DT 3 O4 ? ? ? 1_555 B DA 6 N6 ? ? A DT 3 B DA 14 1_555 ? ? ? ? ? ? WATSON-CRICK ? ? ? 
hydrog8  hydrog ? ? A DG 4 N1 ? ? ? 1_555 B DC 5 N3 ? ? A DG 4 B DC 13 1_555 ? ? ? ? ? ? WATSON-CRICK ? ? ? 
hydrog9  hydrog ? ? A DG 4 N2 ? ? ? 1_555 B DC 5 O2 ? ? A DG 4 B DC 13 1_555 ? ? ? ? ? ? WATSON-CRICK ? ? ? 
hydrog10 hydrog ? ? A DG 4 O6 ? ? ? 1_555 B DC 5 N4 ? ? A DG 4 B DC 13 1_555 ? ? ? ? ? ? WATSON-CRICK ? ? ? 
hydrog11 hydrog ? ? A DC 5 N3 ? ? ? 1_555 B DG 4 N1 ? ? A DC 5 B DG 12 1_555 ? ? ? ? ? ? WATSON-CRICK ? ? ? 
hydrog12 hydrog ? ? A DC 5 N4 ? ? ? 1_555 B DG 4 O6 ? ? A DC 5 B DG 12 1_555 ? ? ? ? ? ? WATSON-CRICK ? ? ? 
hydrog13 hydrog ? ? A DC 5 O2 ? ? ? 1_555 B DG 4 N2 ? ? A DC 5 B DG 12 1_555 ? ? ? ? ? ? WATSON-CRICK ? ? ? 
hydrog14 hydrog ? ? A DA 6 N1 ? ? ? 1_555 B DT 3 N3 ? ? A DA 6 B DT 11 1_555 ? ? ? ? ? ? WATSON-CRICK ? ? ? 
hydrog15 hydrog ? ? A DA 6 N6 ? ? ? 1_555 B DT 3 O4 ? ? A DA 6 B DT 11 1_555 ? ? ? ? ? ? WATSON-CRICK ? ? ? 
hydrog16 hydrog ? ? A DT 7 N3 ? ? ? 1_555 B DA 2 N1 ? ? A DT 7 B DA 10 1_555 ? ? ? ? ? ? WATSON-CRICK ? ? ? 
hydrog17 hydrog ? ? A DT 7 O4 ? ? ? 1_555 B DA 2 N6 ? ? A DT 7 B DA 10 1_555 ? ? ? ? ? ? WATSON-CRICK ? ? ? 
hydrog18 hydrog ? ? A DG 8 N1 ? ? ? 1_555 B DC 1 N3 ? ? A DG 8 B DC 9  1_555 ? ? ? ? ? ? WATSON-CRICK ? ? ? 
hydrog19 hydrog ? ? A DG 8 N2 ? ? ? 1_555 B DC 1 O2 ? ? A DG 8 B DC 9  1_555 ? ? ? ? ? ? WATSON-CRICK ? ? ? 
hydrog20 hydrog ? ? A DG 8 O6 ? ? ? 1_555 B DC 1 N4 ? ? A DG 8 B DC 9  1_555 ? ? ? ? ? ? WATSON-CRICK ? ? ? 
# 
_struct_conn_type.id          hydrog 
_struct_conn_type.criteria    ? 
_struct_conn_type.reference   ? 
# 
loop_
_pdbx_validate_rmsd_bond.id 
_pdbx_validate_rmsd_bond.PDB_model_num 
_pdbx_validate_rmsd_bond.auth_atom_id_1 
_pdbx_validate_rmsd_bond.auth_asym_id_1 
_pdbx_validate_rmsd_bond.auth_comp_id_1 
_pdbx_validate_rmsd_bond.auth_seq_id_1 
_pdbx_validate_rmsd_bond.PDB_ins_code_1 
_pdbx_validate_rmsd_bond.label_alt_id_1 
_pdbx_validate_rmsd_bond.auth_atom_id_2 
_pdbx_validate_rmsd_bond.auth_asym_id_2 
_pdbx_validate_rmsd_bond.auth_comp_id_2 
_pdbx_validate_rmsd_bond.auth_seq_id_2 
_pdbx_validate_rmsd_bond.PDB_ins_code_2 
_pdbx_validate_rmsd_bond.label_alt_id_2 
_pdbx_validate_rmsd_bond.bond_value 
_pdbx_validate_rmsd_bond.bond_target_value 
_pdbx_validate_rmsd_bond.bond_deviation 
_pdbx_validate_rmsd_bond.bond_standard_deviation 
_pdbx_validate_rmsd_bond.linker_flag 
1  1 N1 A DC 1  ? ? C6 A DC 1  ? ? 1.407 1.367 0.040  0.006 N 
2  1 C5 A DA 2  ? ? N7 A DA 2  ? ? 1.319 1.388 -0.069 0.006 N 
3  1 N9 A DA 2  ? ? C4 A DA 2  ? ? 1.332 1.374 -0.042 0.006 N 
4  1 C5 A DT 3  ? ? C6 A DT 3  ? ? 1.382 1.339 0.043  0.007 N 
5  1 C5 A DG 4  ? ? N7 A DG 4  ? ? 1.326 1.388 -0.062 0.006 N 
6  1 N1 A DC 5  ? ? C6 A DC 5  ? ? 1.405 1.367 0.038  0.006 N 
7  1 C5 A DA 6  ? ? N7 A DA 6  ? ? 1.325 1.388 -0.063 0.006 N 
8  1 N9 A DA 6  ? ? C4 A DA 6  ? ? 1.326 1.374 -0.048 0.006 N 
9  1 C4 A DT 7  ? ? C5 A DT 7  ? ? 1.388 1.445 -0.057 0.009 N 
10 1 C5 A DT 7  ? ? C6 A DT 7  ? ? 1.391 1.339 0.052  0.007 N 
11 1 C5 A DG 8  ? ? N7 A DG 8  ? ? 1.322 1.388 -0.066 0.006 N 
12 1 N9 A DG 8  ? ? C4 A DG 8  ? ? 1.321 1.375 -0.054 0.008 N 
13 1 N1 B DC 9  ? ? C6 B DC 9  ? ? 1.406 1.367 0.039  0.006 N 
14 1 C5 B DA 10 ? ? N7 B DA 10 ? ? 1.326 1.388 -0.062 0.006 N 
15 1 N9 B DA 10 ? ? C4 B DA 10 ? ? 1.323 1.374 -0.051 0.006 N 
16 1 C5 B DT 11 ? ? C6 B DT 11 ? ? 1.386 1.339 0.047  0.007 N 
17 1 C5 B DT 11 ? ? C7 B DT 11 ? ? 1.532 1.496 0.036  0.006 N 
18 1 C5 B DG 12 ? ? N7 B DG 12 ? ? 1.325 1.388 -0.063 0.006 N 
19 1 C8 B DG 12 ? ? N9 B DG 12 ? ? 1.329 1.374 -0.045 0.007 N 
20 1 C5 B DA 14 ? ? N7 B DA 14 ? ? 1.329 1.388 -0.059 0.006 N 
21 1 N9 B DA 14 ? ? C4 B DA 14 ? ? 1.330 1.374 -0.044 0.006 N 
22 1 C4 B DT 15 ? ? C5 B DT 15 ? ? 1.385 1.445 -0.060 0.009 N 
23 1 C5 B DT 15 ? ? C6 B DT 15 ? ? 1.392 1.339 0.053  0.007 N 
24 1 C5 B DG 16 ? ? N7 B DG 16 ? ? 1.332 1.388 -0.056 0.006 N 
25 1 N9 B DG 16 ? ? C4 B DG 16 ? ? 1.322 1.375 -0.053 0.008 N 
# 
loop_
_pdbx_validate_rmsd_angle.id 
_pdbx_validate_rmsd_angle.PDB_model_num 
_pdbx_validate_rmsd_angle.auth_atom_id_1 
_pdbx_validate_rmsd_angle.auth_asym_id_1 
_pdbx_validate_rmsd_angle.auth_comp_id_1 
_pdbx_validate_rmsd_angle.auth_seq_id_1 
_pdbx_validate_rmsd_angle.PDB_ins_code_1 
_pdbx_validate_rmsd_angle.label_alt_id_1 
_pdbx_validate_rmsd_angle.auth_atom_id_2 
_pdbx_validate_rmsd_angle.auth_asym_id_2 
_pdbx_validate_rmsd_angle.auth_comp_id_2 
_pdbx_validate_rmsd_angle.auth_seq_id_2 
_pdbx_validate_rmsd_angle.PDB_ins_code_2 
_pdbx_validate_rmsd_angle.label_alt_id_2 
_pdbx_validate_rmsd_angle.auth_atom_id_3 
_pdbx_validate_rmsd_angle.auth_asym_id_3 
_pdbx_validate_rmsd_angle.auth_comp_id_3 
_pdbx_validate_rmsd_angle.auth_seq_id_3 
_pdbx_validate_rmsd_angle.PDB_ins_code_3 
_pdbx_validate_rmsd_angle.label_alt_id_3 
_pdbx_validate_rmsd_angle.angle_value 
_pdbx_validate_rmsd_angle.angle_target_value 
_pdbx_validate_rmsd_angle.angle_deviation 
_pdbx_validate_rmsd_angle.angle_standard_deviation 
_pdbx_validate_rmsd_angle.linker_flag 
1  1 N1    A DA 2  ? ? C2    A DA 2  ? ? N3    A DA 2  ? ? 122.32 129.30 -6.98 0.50 N 
2  1 C2    A DA 2  ? ? N3    A DA 2  ? ? C4    A DA 2  ? ? 119.41 110.60 8.81  0.50 N 
3  1 N3    A DA 2  ? ? C4    A DA 2  ? ? C5    A DA 2  ? ? 120.21 126.80 -6.59 0.70 N 
4  1 C5    A DA 2  ? ? N7    A DA 2  ? ? C8    A DA 2  ? ? 107.14 103.90 3.24  0.50 N 
5  1 N7    A DA 2  ? ? C8    A DA 2  ? ? N9    A DA 2  ? ? 109.98 113.80 -3.82 0.50 N 
6  1 N3    A DA 2  ? ? C4    A DA 2  ? ? N9    A DA 2  ? ? 132.97 127.40 5.57  0.80 N 
7  1 N1    A DT 3  ? ? C2    A DT 3  ? ? N3    A DT 3  ? ? 119.66 114.60 5.06  0.60 N 
8  1 C2    A DT 3  ? ? N3    A DT 3  ? ? C4    A DT 3  ? ? 121.44 127.20 -5.76 0.60 N 
9  1 N3    A DT 3  ? ? C4    A DT 3  ? ? C5    A DT 3  ? ? 119.32 115.20 4.12  0.60 N 
10 1 N3    A DT 3  ? ? C2    A DT 3  ? ? O2    A DT 3  ? ? 118.59 122.30 -3.71 0.60 N 
11 1 C6    A DT 3  ? ? C5    A DT 3  ? ? C7    A DT 3  ? ? 118.34 122.90 -4.56 0.60 N 
12 1 C6    A DG 4  ? ? N1    A DG 4  ? ? C2    A DG 4  ? ? 120.56 125.10 -4.54 0.60 N 
13 1 N1    A DG 4  ? ? C2    A DG 4  ? ? N3    A DG 4  ? ? 119.88 123.90 -4.02 0.60 N 
14 1 C2    A DG 4  ? ? N3    A DG 4  ? ? C4    A DG 4  ? ? 120.87 111.90 8.97  0.50 N 
15 1 N3    A DG 4  ? ? C4    A DG 4  ? ? C5    A DG 4  ? ? 121.39 128.60 -7.21 0.50 N 
16 1 C5    A DG 4  ? ? C6    A DG 4  ? ? N1    A DG 4  ? ? 118.01 111.50 6.51  0.50 N 
17 1 C4    A DG 4  ? ? C5    A DG 4  ? ? N7    A DG 4  ? ? 108.26 110.80 -2.54 0.40 N 
18 1 N3    A DG 4  ? ? C4    A DG 4  ? ? N9    A DG 4  ? ? 131.66 126.00 5.66  0.60 N 
19 1 C5    A DG 4  ? ? C6    A DG 4  ? ? O6    A DG 4  ? ? 120.41 128.60 -8.19 0.60 N 
20 1 C2    A DC 5  ? ? N3    A DC 5  ? ? C4    A DC 5  ? ? 122.98 119.90 3.08  0.50 N 
21 1 N1    A DA 6  ? ? C2    A DA 6  ? ? N3    A DA 6  ? ? 122.65 129.30 -6.65 0.50 N 
22 1 C2    A DA 6  ? ? N3    A DA 6  ? ? C4    A DA 6  ? ? 119.87 110.60 9.27  0.50 N 
23 1 N3    A DA 6  ? ? C4    A DA 6  ? ? C5    A DA 6  ? ? 119.22 126.80 -7.58 0.70 N 
24 1 C4    A DA 6  ? ? C5    A DA 6  ? ? N7    A DA 6  ? ? 107.66 110.70 -3.04 0.50 N 
25 1 C5    A DA 6  ? ? N7    A DA 6  ? ? C8    A DA 6  ? ? 107.33 103.90 3.43  0.50 N 
26 1 N7    A DA 6  ? ? C8    A DA 6  ? ? N9    A DA 6  ? ? 110.42 113.80 -3.38 0.50 N 
27 1 N3    A DA 6  ? ? C4    A DA 6  ? ? N9    A DA 6  ? ? 133.55 127.40 6.15  0.80 N 
28 1 "C1'" A DT 7  ? ? "O4'" A DT 7  ? ? "C4'" A DT 7  ? ? 103.44 110.10 -6.66 1.00 N 
29 1 N1    A DT 7  ? ? C2    A DT 7  ? ? N3    A DT 7  ? ? 119.44 114.60 4.84  0.60 N 
30 1 C2    A DT 7  ? ? N3    A DT 7  ? ? C4    A DT 7  ? ? 121.22 127.20 -5.98 0.60 N 
31 1 N3    A DT 7  ? ? C4    A DT 7  ? ? C5    A DT 7  ? ? 119.56 115.20 4.36  0.60 N 
32 1 N3    A DT 7  ? ? C2    A DT 7  ? ? O2    A DT 7  ? ? 118.04 122.30 -4.26 0.60 N 
33 1 C6    A DT 7  ? ? C5    A DT 7  ? ? C7    A DT 7  ? ? 117.87 122.90 -5.03 0.60 N 
34 1 "O4'" A DG 8  ? ? "C1'" A DG 8  ? ? N9    A DG 8  ? ? 110.68 108.30 2.38  0.30 N 
35 1 C6    A DG 8  ? ? N1    A DG 8  ? ? C2    A DG 8  ? ? 120.07 125.10 -5.03 0.60 N 
36 1 N1    A DG 8  ? ? C2    A DG 8  ? ? N3    A DG 8  ? ? 119.85 123.90 -4.05 0.60 N 
37 1 C2    A DG 8  ? ? N3    A DG 8  ? ? C4    A DG 8  ? ? 121.01 111.90 9.11  0.50 N 
38 1 N3    A DG 8  ? ? C4    A DG 8  ? ? C5    A DG 8  ? ? 121.64 128.60 -6.96 0.50 N 
39 1 C5    A DG 8  ? ? C6    A DG 8  ? ? N1    A DG 8  ? ? 118.21 111.50 6.71  0.50 N 
40 1 C4    A DG 8  ? ? C5    A DG 8  ? ? N7    A DG 8  ? ? 108.25 110.80 -2.55 0.40 N 
41 1 N7    A DG 8  ? ? C8    A DG 8  ? ? N9    A DG 8  ? ? 109.54 113.10 -3.56 0.50 N 
42 1 N3    A DG 8  ? ? C4    A DG 8  ? ? N9    A DG 8  ? ? 131.50 126.00 5.50  0.60 N 
43 1 C5    A DG 8  ? ? C6    A DG 8  ? ? O6    A DG 8  ? ? 120.50 128.60 -8.10 0.60 N 
44 1 N1    B DA 10 ? ? C2    B DA 10 ? ? N3    B DA 10 ? ? 122.40 129.30 -6.90 0.50 N 
45 1 C2    B DA 10 ? ? N3    B DA 10 ? ? C4    B DA 10 ? ? 119.92 110.60 9.32  0.50 N 
46 1 N3    B DA 10 ? ? C4    B DA 10 ? ? C5    B DA 10 ? ? 119.48 126.80 -7.32 0.70 N 
47 1 N7    B DA 10 ? ? C8    B DA 10 ? ? N9    B DA 10 ? ? 110.10 113.80 -3.70 0.50 N 
48 1 N3    B DA 10 ? ? C4    B DA 10 ? ? N9    B DA 10 ? ? 133.52 127.40 6.12  0.80 N 
49 1 N1    B DT 11 ? ? C2    B DT 11 ? ? N3    B DT 11 ? ? 119.30 114.60 4.70  0.60 N 
50 1 C2    B DT 11 ? ? N3    B DT 11 ? ? C4    B DT 11 ? ? 121.48 127.20 -5.72 0.60 N 
51 1 N3    B DT 11 ? ? C4    B DT 11 ? ? C5    B DT 11 ? ? 119.33 115.20 4.13  0.60 N 
52 1 N3    B DT 11 ? ? C2    B DT 11 ? ? O2    B DT 11 ? ? 118.54 122.30 -3.76 0.60 N 
53 1 C4    B DT 11 ? ? C5    B DT 11 ? ? C7    B DT 11 ? ? 122.64 119.00 3.64  0.60 N 
54 1 C6    B DT 11 ? ? C5    B DT 11 ? ? C7    B DT 11 ? ? 117.63 122.90 -5.27 0.60 N 
55 1 C6    B DG 12 ? ? N1    B DG 12 ? ? C2    B DG 12 ? ? 119.80 125.10 -5.30 0.60 N 
56 1 N1    B DG 12 ? ? C2    B DG 12 ? ? N3    B DG 12 ? ? 119.89 123.90 -4.01 0.60 N 
57 1 C2    B DG 12 ? ? N3    B DG 12 ? ? C4    B DG 12 ? ? 121.03 111.90 9.13  0.50 N 
58 1 N3    B DG 12 ? ? C4    B DG 12 ? ? C5    B DG 12 ? ? 121.35 128.60 -7.25 0.50 N 
59 1 C5    B DG 12 ? ? C6    B DG 12 ? ? N1    B DG 12 ? ? 118.64 111.50 7.14  0.50 N 
60 1 C4    B DG 12 ? ? C5    B DG 12 ? ? N7    B DG 12 ? ? 108.06 110.80 -2.74 0.40 N 
61 1 N3    B DG 12 ? ? C4    B DG 12 ? ? N9    B DG 12 ? ? 131.67 126.00 5.67  0.60 N 
62 1 C5    B DG 12 ? ? C6    B DG 12 ? ? O6    B DG 12 ? ? 121.06 128.60 -7.54 0.60 N 
63 1 N1    B DA 14 ? ? C2    B DA 14 ? ? N3    B DA 14 ? ? 123.07 129.30 -6.23 0.50 N 
64 1 C2    B DA 14 ? ? N3    B DA 14 ? ? C4    B DA 14 ? ? 119.65 110.60 9.05  0.50 N 
65 1 N3    B DA 14 ? ? C4    B DA 14 ? ? C5    B DA 14 ? ? 119.41 126.80 -7.39 0.70 N 
66 1 C5    B DA 14 ? ? N7    B DA 14 ? ? C8    B DA 14 ? ? 106.96 103.90 3.06  0.50 N 
67 1 N7    B DA 14 ? ? C8    B DA 14 ? ? N9    B DA 14 ? ? 110.41 113.80 -3.39 0.50 N 
68 1 N3    B DA 14 ? ? C4    B DA 14 ? ? N9    B DA 14 ? ? 133.78 127.40 6.38  0.80 N 
69 1 "C1'" B DT 15 ? ? "O4'" B DT 15 ? ? "C4'" B DT 15 ? ? 103.82 110.10 -6.28 1.00 N 
70 1 N1    B DT 15 ? ? C2    B DT 15 ? ? N3    B DT 15 ? ? 119.10 114.60 4.50  0.60 N 
71 1 C2    B DT 15 ? ? N3    B DT 15 ? ? C4    B DT 15 ? ? 121.49 127.20 -5.71 0.60 N 
72 1 N3    B DT 15 ? ? C4    B DT 15 ? ? C5    B DT 15 ? ? 119.33 115.20 4.13  0.60 N 
73 1 N3    B DT 15 ? ? C2    B DT 15 ? ? O2    B DT 15 ? ? 118.64 122.30 -3.66 0.60 N 
74 1 C6    B DT 15 ? ? C5    B DT 15 ? ? C7    B DT 15 ? ? 117.34 122.90 -5.56 0.60 N 
75 1 "O4'" B DG 16 ? ? "C1'" B DG 16 ? ? N9    B DG 16 ? ? 111.08 108.30 2.78  0.30 N 
76 1 C6    B DG 16 ? ? N1    B DG 16 ? ? C2    B DG 16 ? ? 120.09 125.10 -5.01 0.60 N 
77 1 N1    B DG 16 ? ? C2    B DG 16 ? ? N3    B DG 16 ? ? 119.80 123.90 -4.10 0.60 N 
78 1 C2    B DG 16 ? ? N3    B DG 16 ? ? C4    B DG 16 ? ? 121.54 111.90 9.64  0.50 N 
79 1 N3    B DG 16 ? ? C4    B DG 16 ? ? C5    B DG 16 ? ? 121.17 128.60 -7.43 0.50 N 
80 1 C5    B DG 16 ? ? C6    B DG 16 ? ? N1    B DG 16 ? ? 118.41 111.50 6.91  0.50 N 
81 1 C4    B DG 16 ? ? C5    B DG 16 ? ? N7    B DG 16 ? ? 108.02 110.80 -2.78 0.40 N 
82 1 N3    B DG 16 ? ? C4    B DG 16 ? ? N9    B DG 16 ? ? 131.99 126.00 5.99  0.60 N 
83 1 C5    B DG 16 ? ? C6    B DG 16 ? ? O6    B DG 16 ? ? 119.91 128.60 -8.69 0.60 N 
# 
loop_
_pdbx_validate_planes.id 
_pdbx_validate_planes.PDB_model_num 
_pdbx_validate_planes.auth_comp_id 
_pdbx_validate_planes.auth_asym_id 
_pdbx_validate_planes.auth_seq_id 
_pdbx_validate_planes.PDB_ins_code 
_pdbx_validate_planes.label_alt_id 
_pdbx_validate_planes.rmsd 
_pdbx_validate_planes.type 
1 1 DC A 1  ? ? 0.068 'SIDE CHAIN' 
2 1 DA A 2  ? ? 0.077 'SIDE CHAIN' 
3 1 DC A 5  ? ? 0.095 'SIDE CHAIN' 
4 1 DA A 6  ? ? 0.135 'SIDE CHAIN' 
5 1 DC B 9  ? ? 0.090 'SIDE CHAIN' 
6 1 DA B 10 ? ? 0.062 'SIDE CHAIN' 
7 1 DG B 12 ? ? 0.066 'SIDE CHAIN' 
8 1 DC B 13 ? ? 0.092 'SIDE CHAIN' 
9 1 DA B 14 ? ? 0.121 'SIDE CHAIN' 
# 
_pdbx_nmr_ensemble.entry_id                                      1D18 
_pdbx_nmr_ensemble.conformers_calculated_total_number            ? 
_pdbx_nmr_ensemble.conformers_submitted_total_number             1 
_pdbx_nmr_ensemble.conformer_selection_criteria                  ? 
_pdbx_nmr_ensemble.average_constraints_per_residue               ? 
_pdbx_nmr_ensemble.average_constraint_violations_per_residue     ? 
_pdbx_nmr_ensemble.maximum_distance_constraint_violation         ? 
_pdbx_nmr_ensemble.average_distance_constraint_violation         ? 
_pdbx_nmr_ensemble.maximum_upper_distance_constraint_violation   ? 
_pdbx_nmr_ensemble.maximum_lower_distance_constraint_violation   ? 
_pdbx_nmr_ensemble.distance_constraint_violation_method          ? 
_pdbx_nmr_ensemble.maximum_torsion_angle_constraint_violation    ? 
_pdbx_nmr_ensemble.average_torsion_angle_constraint_violation    ? 
_pdbx_nmr_ensemble.torsion_angle_constraint_violation_method     ? 
# 
_pdbx_nmr_refine.entry_id           1D18 
_pdbx_nmr_refine.method             'ENERGY MINIMIZATION, MOLECULAR DYNAMICS' 
_pdbx_nmr_refine.details            
;THE STRUCTURE WAS REFINED AGAINST PRIMARY NOE DATA. THE R VALUE IS 0.23 OVER ALL OBSERVED, QUANTIFIED, NOE CROSSPEAK INTENSITIES. THE NOE-BASED PROCEDURE USED TO REFINE THESE STRUCTURES INCLUDED CORRELATION TIME ADJUSTMENT FACTORS, WHICH ARE APPROXIMATELY RELATED TO THE INVERSE OF THE TEMPERATURE FACTORS ASSOCIATED WITH X-RAY CRYSTALLOGRAPHY. THESE VALUES ARE INCLUDED IN THE COLUMN NORMALLY USED FOR TEMPERATURE FACTORS. VALUES OF 0.0 APPEAR FOR NON-HYDROGEN ATOMS, WHICH WERE NOT USED IN THE NMR CALCULATIONS. FURTHER DETAILS ARE GIVEN IN REFERENCE 1.
;
_pdbx_nmr_refine.software_ordinal   1 
# 
_pdbx_nmr_software.name             GROMOS 
_pdbx_nmr_software.version          ? 
_pdbx_nmr_software.classification   refinement 
_pdbx_nmr_software.authors          'DE VLIEG ET AL' 
_pdbx_nmr_software.ordinal          1 
# 
loop_
_chem_comp_atom.comp_id 
_chem_comp_atom.atom_id 
_chem_comp_atom.type_symbol 
_chem_comp_atom.pdbx_aromatic_flag 
_chem_comp_atom.pdbx_stereo_config 
_chem_comp_atom.pdbx_ordinal 
DA OP3    O N N 1   
DA P      P N N 2   
DA OP1    O N N 3   
DA OP2    O N N 4   
DA "O5'"  O N N 5   
DA "C5'"  C N N 6   
DA "C4'"  C N R 7   
DA "O4'"  O N N 8   
DA "C3'"  C N S 9   
DA "O3'"  O N N 10  
DA "C2'"  C N N 11  
DA "C1'"  C N R 12  
DA N9     N Y N 13  
DA C8     C Y N 14  
DA N7     N Y N 15  
DA C5     C Y N 16  
DA C6     C Y N 17  
DA N6     N N N 18  
DA N1     N Y N 19  
DA C2     C Y N 20  
DA N3     N Y N 21  
DA C4     C Y N 22  
DA HOP3   H N N 23  
DA HOP2   H N N 24  
DA "H5'"  H N N 25  
DA "H5''" H N N 26  
DA "H4'"  H N N 27  
DA "H3'"  H N N 28  
DA "HO3'" H N N 29  
DA "H2'"  H N N 30  
DA "H2''" H N N 31  
DA "H1'"  H N N 32  
DA H8     H N N 33  
DA H61    H N N 34  
DA H62    H N N 35  
DA H2     H N N 36  
DC OP3    O N N 37  
DC P      P N N 38  
DC OP1    O N N 39  
DC OP2    O N N 40  
DC "O5'"  O N N 41  
DC "C5'"  C N N 42  
DC "C4'"  C N R 43  
DC "O4'"  O N N 44  
DC "C3'"  C N S 45  
DC "O3'"  O N N 46  
DC "C2'"  C N N 47  
DC "C1'"  C N R 48  
DC N1     N N N 49  
DC C2     C N N 50  
DC O2     O N N 51  
DC N3     N N N 52  
DC C4     C N N 53  
DC N4     N N N 54  
DC C5     C N N 55  
DC C6     C N N 56  
DC HOP3   H N N 57  
DC HOP2   H N N 58  
DC "H5'"  H N N 59  
DC "H5''" H N N 60  
DC "H4'"  H N N 61  
DC "H3'"  H N N 62  
DC "HO3'" H N N 63  
DC "H2'"  H N N 64  
DC "H2''" H N N 65  
DC "H1'"  H N N 66  
DC H41    H N N 67  
DC H42    H N N 68  
DC H5     H N N 69  
DC H6     H N N 70  
DG OP3    O N N 71  
DG P      P N N 72  
DG OP1    O N N 73  
DG OP2    O N N 74  
DG "O5'"  O N N 75  
DG "C5'"  C N N 76  
DG "C4'"  C N R 77  
DG "O4'"  O N N 78  
DG "C3'"  C N S 79  
DG "O3'"  O N N 80  
DG "C2'"  C N N 81  
DG "C1'"  C N R 82  
DG N9     N Y N 83  
DG C8     C Y N 84  
DG N7     N Y N 85  
DG C5     C Y N 86  
DG C6     C N N 87  
DG O6     O N N 88  
DG N1     N N N 89  
DG C2     C N N 90  
DG N2     N N N 91  
DG N3     N N N 92  
DG C4     C Y N 93  
DG HOP3   H N N 94  
DG HOP2   H N N 95  
DG "H5'"  H N N 96  
DG "H5''" H N N 97  
DG "H4'"  H N N 98  
DG "H3'"  H N N 99  
DG "HO3'" H N N 100 
DG "H2'"  H N N 101 
DG "H2''" H N N 102 
DG "H1'"  H N N 103 
DG H8     H N N 104 
DG H1     H N N 105 
DG H21    H N N 106 
DG H22    H N N 107 
DT OP3    O N N 108 
DT P      P N N 109 
DT OP1    O N N 110 
DT OP2    O N N 111 
DT "O5'"  O N N 112 
DT "C5'"  C N N 113 
DT "C4'"  C N R 114 
DT "O4'"  O N N 115 
DT "C3'"  C N S 116 
DT "O3'"  O N N 117 
DT "C2'"  C N N 118 
DT "C1'"  C N R 119 
DT N1     N N N 120 
DT C2     C N N 121 
DT O2     O N N 122 
DT N3     N N N 123 
DT C4     C N N 124 
DT O4     O N N 125 
DT C5     C N N 126 
DT C7     C N N 127 
DT C6     C N N 128 
DT HOP3   H N N 129 
DT HOP2   H N N 130 
DT "H5'"  H N N 131 
DT "H5''" H N N 132 
DT "H4'"  H N N 133 
DT "H3'"  H N N 134 
DT "HO3'" H N N 135 
DT "H2'"  H N N 136 
DT "H2''" H N N 137 
DT "H1'"  H N N 138 
DT H3     H N N 139 
DT H71    H N N 140 
DT H72    H N N 141 
DT H73    H N N 142 
DT H6     H N N 143 
# 
loop_
_chem_comp_bond.comp_id 
_chem_comp_bond.atom_id_1 
_chem_comp_bond.atom_id_2 
_chem_comp_bond.value_order 
_chem_comp_bond.pdbx_aromatic_flag 
_chem_comp_bond.pdbx_stereo_config 
_chem_comp_bond.pdbx_ordinal 
DA OP3   P      sing N N 1   
DA OP3   HOP3   sing N N 2   
DA P     OP1    doub N N 3   
DA P     OP2    sing N N 4   
DA P     "O5'"  sing N N 5   
DA OP2   HOP2   sing N N 6   
DA "O5'" "C5'"  sing N N 7   
DA "C5'" "C4'"  sing N N 8   
DA "C5'" "H5'"  sing N N 9   
DA "C5'" "H5''" sing N N 10  
DA "C4'" "O4'"  sing N N 11  
DA "C4'" "C3'"  sing N N 12  
DA "C4'" "H4'"  sing N N 13  
DA "O4'" "C1'"  sing N N 14  
DA "C3'" "O3'"  sing N N 15  
DA "C3'" "C2'"  sing N N 16  
DA "C3'" "H3'"  sing N N 17  
DA "O3'" "HO3'" sing N N 18  
DA "C2'" "C1'"  sing N N 19  
DA "C2'" "H2'"  sing N N 20  
DA "C2'" "H2''" sing N N 21  
DA "C1'" N9     sing N N 22  
DA "C1'" "H1'"  sing N N 23  
DA N9    C8     sing Y N 24  
DA N9    C4     sing Y N 25  
DA C8    N7     doub Y N 26  
DA C8    H8     sing N N 27  
DA N7    C5     sing Y N 28  
DA C5    C6     sing Y N 29  
DA C5    C4     doub Y N 30  
DA C6    N6     sing N N 31  
DA C6    N1     doub Y N 32  
DA N6    H61    sing N N 33  
DA N6    H62    sing N N 34  
DA N1    C2     sing Y N 35  
DA C2    N3     doub Y N 36  
DA C2    H2     sing N N 37  
DA N3    C4     sing Y N 38  
DC OP3   P      sing N N 39  
DC OP3   HOP3   sing N N 40  
DC P     OP1    doub N N 41  
DC P     OP2    sing N N 42  
DC P     "O5'"  sing N N 43  
DC OP2   HOP2   sing N N 44  
DC "O5'" "C5'"  sing N N 45  
DC "C5'" "C4'"  sing N N 46  
DC "C5'" "H5'"  sing N N 47  
DC "C5'" "H5''" sing N N 48  
DC "C4'" "O4'"  sing N N 49  
DC "C4'" "C3'"  sing N N 50  
DC "C4'" "H4'"  sing N N 51  
DC "O4'" "C1'"  sing N N 52  
DC "C3'" "O3'"  sing N N 53  
DC "C3'" "C2'"  sing N N 54  
DC "C3'" "H3'"  sing N N 55  
DC "O3'" "HO3'" sing N N 56  
DC "C2'" "C1'"  sing N N 57  
DC "C2'" "H2'"  sing N N 58  
DC "C2'" "H2''" sing N N 59  
DC "C1'" N1     sing N N 60  
DC "C1'" "H1'"  sing N N 61  
DC N1    C2     sing N N 62  
DC N1    C6     sing N N 63  
DC C2    O2     doub N N 64  
DC C2    N3     sing N N 65  
DC N3    C4     doub N N 66  
DC C4    N4     sing N N 67  
DC C4    C5     sing N N 68  
DC N4    H41    sing N N 69  
DC N4    H42    sing N N 70  
DC C5    C6     doub N N 71  
DC C5    H5     sing N N 72  
DC C6    H6     sing N N 73  
DG OP3   P      sing N N 74  
DG OP3   HOP3   sing N N 75  
DG P     OP1    doub N N 76  
DG P     OP2    sing N N 77  
DG P     "O5'"  sing N N 78  
DG OP2   HOP2   sing N N 79  
DG "O5'" "C5'"  sing N N 80  
DG "C5'" "C4'"  sing N N 81  
DG "C5'" "H5'"  sing N N 82  
DG "C5'" "H5''" sing N N 83  
DG "C4'" "O4'"  sing N N 84  
DG "C4'" "C3'"  sing N N 85  
DG "C4'" "H4'"  sing N N 86  
DG "O4'" "C1'"  sing N N 87  
DG "C3'" "O3'"  sing N N 88  
DG "C3'" "C2'"  sing N N 89  
DG "C3'" "H3'"  sing N N 90  
DG "O3'" "HO3'" sing N N 91  
DG "C2'" "C1'"  sing N N 92  
DG "C2'" "H2'"  sing N N 93  
DG "C2'" "H2''" sing N N 94  
DG "C1'" N9     sing N N 95  
DG "C1'" "H1'"  sing N N 96  
DG N9    C8     sing Y N 97  
DG N9    C4     sing Y N 98  
DG C8    N7     doub Y N 99  
DG C8    H8     sing N N 100 
DG N7    C5     sing Y N 101 
DG C5    C6     sing N N 102 
DG C5    C4     doub Y N 103 
DG C6    O6     doub N N 104 
DG C6    N1     sing N N 105 
DG N1    C2     sing N N 106 
DG N1    H1     sing N N 107 
DG C2    N2     sing N N 108 
DG C2    N3     doub N N 109 
DG N2    H21    sing N N 110 
DG N2    H22    sing N N 111 
DG N3    C4     sing N N 112 
DT OP3   P      sing N N 113 
DT OP3   HOP3   sing N N 114 
DT P     OP1    doub N N 115 
DT P     OP2    sing N N 116 
DT P     "O5'"  sing N N 117 
DT OP2   HOP2   sing N N 118 
DT "O5'" "C5'"  sing N N 119 
DT "C5'" "C4'"  sing N N 120 
DT "C5'" "H5'"  sing N N 121 
DT "C5'" "H5''" sing N N 122 
DT "C4'" "O4'"  sing N N 123 
DT "C4'" "C3'"  sing N N 124 
DT "C4'" "H4'"  sing N N 125 
DT "O4'" "C1'"  sing N N 126 
DT "C3'" "O3'"  sing N N 127 
DT "C3'" "C2'"  sing N N 128 
DT "C3'" "H3'"  sing N N 129 
DT "O3'" "HO3'" sing N N 130 
DT "C2'" "C1'"  sing N N 131 
DT "C2'" "H2'"  sing N N 132 
DT "C2'" "H2''" sing N N 133 
DT "C1'" N1     sing N N 134 
DT "C1'" "H1'"  sing N N 135 
DT N1    C2     sing N N 136 
DT N1    C6     sing N N 137 
DT C2    O2     doub N N 138 
DT C2    N3     sing N N 139 
DT N3    C4     sing N N 140 
DT N3    H3     sing N N 141 
DT C4    O4     doub N N 142 
DT C4    C5     sing N N 143 
DT C5    C7     sing N N 144 
DT C5    C6     doub N N 145 
DT C7    H71    sing N N 146 
DT C7    H72    sing N N 147 
DT C7    H73    sing N N 148 
DT C6    H6     sing N N 149 
# 
_ndb_struct_conf_na.entry_id   1D18 
_ndb_struct_conf_na.feature    'b-form double helix' 
# 
loop_
_ndb_struct_na_base_pair.model_number 
_ndb_struct_na_base_pair.i_label_asym_id 
_ndb_struct_na_base_pair.i_label_comp_id 
_ndb_struct_na_base_pair.i_label_seq_id 
_ndb_struct_na_base_pair.i_symmetry 
_ndb_struct_na_base_pair.j_label_asym_id 
_ndb_struct_na_base_pair.j_label_comp_id 
_ndb_struct_na_base_pair.j_label_seq_id 
_ndb_struct_na_base_pair.j_symmetry 
_ndb_struct_na_base_pair.shear 
_ndb_struct_na_base_pair.stretch 
_ndb_struct_na_base_pair.stagger 
_ndb_struct_na_base_pair.buckle 
_ndb_struct_na_base_pair.propeller 
_ndb_struct_na_base_pair.opening 
_ndb_struct_na_base_pair.pair_number 
_ndb_struct_na_base_pair.pair_name 
_ndb_struct_na_base_pair.i_auth_asym_id 
_ndb_struct_na_base_pair.i_auth_seq_id 
_ndb_struct_na_base_pair.i_PDB_ins_code 
_ndb_struct_na_base_pair.j_auth_asym_id 
_ndb_struct_na_base_pair.j_auth_seq_id 
_ndb_struct_na_base_pair.j_PDB_ins_code 
_ndb_struct_na_base_pair.hbond_type_28 
_ndb_struct_na_base_pair.hbond_type_12 
1 A DC 1 1_555 B DG 8 1_555 0.221  -0.181 0.203 8.975   -7.563  -4.433 1 A_DC1:DG16_B A 1 ? B 16 ? 19 1 
1 A DA 2 1_555 B DT 7 1_555 -0.442 -0.205 0.286 10.611  -12.379 -6.807 2 A_DA2:DT15_B A 2 ? B 15 ? 20 1 
1 A DT 3 1_555 B DA 6 1_555 0.253  -0.167 0.421 9.548   -8.908  -7.203 3 A_DT3:DA14_B A 3 ? B 14 ? 20 1 
1 A DG 4 1_555 B DC 5 1_555 -0.398 -0.253 0.365 3.437   -17.219 -4.865 4 A_DG4:DC13_B A 4 ? B 13 ? 19 1 
1 A DC 5 1_555 B DG 4 1_555 0.456  -0.243 0.342 -3.784  -17.230 -4.120 5 A_DC5:DG12_B A 5 ? B 12 ? 19 1 
1 A DA 6 1_555 B DT 3 1_555 -0.255 -0.177 0.471 -8.844  -7.882  -6.738 6 A_DA6:DT11_B A 6 ? B 11 ? 20 1 
1 A DT 7 1_555 B DA 2 1_555 0.425  -0.205 0.240 -10.605 -12.799 -6.654 7 A_DT7:DA10_B A 7 ? B 10 ? 20 1 
1 A DG 8 1_555 B DC 1 1_555 -0.184 -0.189 0.198 -7.449  -6.345  -4.776 8 A_DG8:DC9_B  A 8 ? B 9  ? 19 1 
# 
loop_
_ndb_struct_na_base_pair_step.model_number 
_ndb_struct_na_base_pair_step.i_label_asym_id_1 
_ndb_struct_na_base_pair_step.i_label_comp_id_1 
_ndb_struct_na_base_pair_step.i_label_seq_id_1 
_ndb_struct_na_base_pair_step.i_symmetry_1 
_ndb_struct_na_base_pair_step.j_label_asym_id_1 
_ndb_struct_na_base_pair_step.j_label_comp_id_1 
_ndb_struct_na_base_pair_step.j_label_seq_id_1 
_ndb_struct_na_base_pair_step.j_symmetry_1 
_ndb_struct_na_base_pair_step.i_label_asym_id_2 
_ndb_struct_na_base_pair_step.i_label_comp_id_2 
_ndb_struct_na_base_pair_step.i_label_seq_id_2 
_ndb_struct_na_base_pair_step.i_symmetry_2 
_ndb_struct_na_base_pair_step.j_label_asym_id_2 
_ndb_struct_na_base_pair_step.j_label_comp_id_2 
_ndb_struct_na_base_pair_step.j_label_seq_id_2 
_ndb_struct_na_base_pair_step.j_symmetry_2 
_ndb_struct_na_base_pair_step.shift 
_ndb_struct_na_base_pair_step.slide 
_ndb_struct_na_base_pair_step.rise 
_ndb_struct_na_base_pair_step.tilt 
_ndb_struct_na_base_pair_step.roll 
_ndb_struct_na_base_pair_step.twist 
_ndb_struct_na_base_pair_step.x_displacement 
_ndb_struct_na_base_pair_step.y_displacement 
_ndb_struct_na_base_pair_step.helical_rise 
_ndb_struct_na_base_pair_step.inclination 
_ndb_struct_na_base_pair_step.tip 
_ndb_struct_na_base_pair_step.helical_twist 
_ndb_struct_na_base_pair_step.step_number 
_ndb_struct_na_base_pair_step.step_name 
_ndb_struct_na_base_pair_step.i_auth_asym_id_1 
_ndb_struct_na_base_pair_step.i_auth_seq_id_1 
_ndb_struct_na_base_pair_step.i_PDB_ins_code_1 
_ndb_struct_na_base_pair_step.j_auth_asym_id_1 
_ndb_struct_na_base_pair_step.j_auth_seq_id_1 
_ndb_struct_na_base_pair_step.j_PDB_ins_code_1 
_ndb_struct_na_base_pair_step.i_auth_asym_id_2 
_ndb_struct_na_base_pair_step.i_auth_seq_id_2 
_ndb_struct_na_base_pair_step.i_PDB_ins_code_2 
_ndb_struct_na_base_pair_step.j_auth_asym_id_2 
_ndb_struct_na_base_pair_step.j_auth_seq_id_2 
_ndb_struct_na_base_pair_step.j_PDB_ins_code_2 
1 A DC 1 1_555 B DG 8 1_555 A DA 2 1_555 B DT 7 1_555 -0.749 -0.177 3.173 -0.735 8.029  29.007 -1.930 1.298  3.034 15.652 1.432  
30.083 1 AA_DC1DA2:DT15DG16_BB A 1 ? B 16 ? A 2 ? B 15 ? 
1 A DA 2 1_555 B DT 7 1_555 A DT 3 1_555 B DA 6 1_555 0.018  -0.084 3.412 0.155  3.721  32.793 -0.806 -0.005 3.382 6.564  -0.273 
32.998 2 AA_DA2DT3:DA14DT15_BB A 2 ? B 15 ? A 3 ? B 14 ? 
1 A DT 3 1_555 B DA 6 1_555 A DG 4 1_555 B DC 5 1_555 0.444  -0.419 3.339 2.699  3.503  34.712 -1.235 -0.324 3.306 5.842  -4.502 
34.984 3 AA_DT3DG4:DC13DA14_BB A 3 ? B 14 ? A 4 ? B 13 ? 
1 A DG 4 1_555 B DC 5 1_555 A DC 5 1_555 B DG 4 1_555 0.039  -0.372 3.473 0.294  -6.066 44.020 0.108  -0.022 3.492 -8.047 -0.390 
44.416 4 AA_DG4DC5:DG12DC13_BB A 4 ? B 13 ? A 5 ? B 12 ? 
1 A DC 5 1_555 B DG 4 1_555 A DA 6 1_555 B DT 3 1_555 -0.454 -0.448 3.301 -3.010 3.439  33.908 -1.310 0.292  3.268 5.863  5.133  
34.205 5 AA_DC5DA6:DT11DG12_BB A 5 ? B 12 ? A 6 ? B 11 ? 
1 A DA 6 1_555 B DT 3 1_555 A DT 7 1_555 B DA 2 1_555 0.011  -0.025 3.452 0.047  4.474  32.600 -0.850 -0.012 3.419 7.924  -0.084 
32.898 6 AA_DA6DT7:DA10DT11_BB A 6 ? B 11 ? A 7 ? B 10 ? 
1 A DT 7 1_555 B DA 2 1_555 A DG 8 1_555 B DC 1 1_555 0.696  -0.093 3.124 0.763  8.738  29.366 -1.825 -1.174 2.990 16.770 -1.464 
30.620 7 AA_DT7DG8:DC9DA10_BB  A 7 ? B 10 ? A 8 ? B 9  ? 
# 
_atom_sites.entry_id                    1D18 
_atom_sites.fract_transf_matrix[1][1]   1.000000 
_atom_sites.fract_transf_matrix[1][2]   0.000000 
_atom_sites.fract_transf_matrix[1][3]   0.000000 
_atom_sites.fract_transf_matrix[2][1]   0.000000 
_atom_sites.fract_transf_matrix[2][2]   1.000000 
_atom_sites.fract_transf_matrix[2][3]   0.000000 
_atom_sites.fract_transf_matrix[3][1]   0.000000 
_atom_sites.fract_transf_matrix[3][2]   0.000000 
_atom_sites.fract_transf_matrix[3][3]   1.000000 
_atom_sites.fract_transf_vector[1]      0.00000 
_atom_sites.fract_transf_vector[2]      0.00000 
_atom_sites.fract_transf_vector[3]      0.00000 
# 
loop_
_atom_type.symbol 
C 
H 
N 
O 
P 
# 
loop_
_atom_site.group_PDB 
_atom_site.id 
_atom_site.type_symbol 
_atom_site.label_atom_id 
_atom_site.label_alt_id 
_atom_site.label_comp_id 
_atom_site.label_asym_id 
_atom_site.label_entity_id 
_atom_site.label_seq_id 
_atom_site.pdbx_PDB_ins_code 
_atom_site.Cartn_x 
_atom_site.Cartn_y 
_atom_site.Cartn_z 
_atom_site.occupancy 
_atom_site.B_iso_or_equiv 
_atom_site.pdbx_formal_charge 
_atom_site.auth_seq_id 
_atom_site.auth_comp_id 
_atom_site.auth_asym_id 
_atom_site.auth_atom_id 
_atom_site.pdbx_PDB_model_num 
ATOM 1   O "O5'"  . DC A 1 1 ? 13.602  -3.301  5.717   1.00 0.00 ? 1  DC A "O5'"  1 
ATOM 2   C "C5'"  . DC A 1 1 ? 14.444  -2.147  5.844   1.00 0.00 ? 1  DC A "C5'"  1 
ATOM 3   C "C4'"  . DC A 1 1 ? 13.829  -0.953  5.127   1.00 0.00 ? 1  DC A "C4'"  1 
ATOM 4   O "O4'"  . DC A 1 1 ? 13.573  -1.289  3.751   1.00 0.00 ? 1  DC A "O4'"  1 
ATOM 5   C "C3'"  . DC A 1 1 ? 12.496  -0.577  5.758   1.00 0.00 ? 1  DC A "C3'"  1 
ATOM 6   O "O3'"  . DC A 1 1 ? 12.671  0.633   6.525   1.00 0.00 ? 1  DC A "O3'"  1 
ATOM 7   C "C2'"  . DC A 1 1 ? 11.555  -0.375  4.581   1.00 0.00 ? 1  DC A "C2'"  1 
ATOM 8   C "C1'"  . DC A 1 1 ? 12.450  -0.487  3.353   1.00 0.00 ? 1  DC A "C1'"  1 
ATOM 9   N N1     . DC A 1 1 ? 11.769  -1.188  2.236   1.00 0.00 ? 1  DC A N1     1 
ATOM 10  C C2     . DC A 1 1 ? 11.753  -0.595  0.969   1.00 0.00 ? 1  DC A C2     1 
ATOM 11  O O2     . DC A 1 1 ? 12.034  0.596   0.831   1.00 0.00 ? 1  DC A O2     1 
ATOM 12  N N3     . DC A 1 1 ? 11.317  -1.298  -0.087  1.00 0.00 ? 1  DC A N3     1 
ATOM 13  C C4     . DC A 1 1 ? 10.878  -2.548  0.013   1.00 0.00 ? 1  DC A C4     1 
ATOM 14  N N4     . DC A 1 1 ? 10.453  -3.194  -1.070  1.00 0.00 ? 1  DC A N4     1 
ATOM 15  C C5     . DC A 1 1 ? 10.844  -3.190  1.250   1.00 0.00 ? 1  DC A C5     1 
ATOM 16  C C6     . DC A 1 1 ? 11.301  -2.510  2.361   1.00 0.00 ? 1  DC A C6     1 
ATOM 17  H "H5'"  . DC A 1 1 ? 15.408  -2.355  5.413   1.00 0.75 ? 1  DC A "H5'"  1 
ATOM 18  H "H5''" . DC A 1 1 ? 14.570  -1.900  6.886   1.00 0.75 ? 1  DC A "H5''" 1 
ATOM 19  H "H4'"  . DC A 1 1 ? 14.496  -0.116  5.176   1.00 0.75 ? 1  DC A "H4'"  1 
ATOM 20  H "H3'"  . DC A 1 1 ? 12.125  -1.351  6.402   1.00 0.75 ? 1  DC A "H3'"  1 
ATOM 21  H "H2'"  . DC A 1 1 ? 10.789  -1.139  4.534   1.00 0.70 ? 1  DC A "H2'"  1 
ATOM 22  H "H2''" . DC A 1 1 ? 11.070  0.591   4.607   1.00 0.70 ? 1  DC A "H2''" 1 
ATOM 23  H "H1'"  . DC A 1 1 ? 12.792  0.476   3.013   1.00 0.85 ? 1  DC A "H1'"  1 
ATOM 24  H H41    . DC A 1 1 ? 10.487  -2.750  -1.922  1.00 0.00 ? 1  DC A H41    1 
ATOM 25  H H42    . DC A 1 1 ? 10.131  -4.096  -1.005  1.00 0.00 ? 1  DC A H42    1 
ATOM 26  H H5     . DC A 1 1 ? 10.483  -4.199  1.322   1.00 0.90 ? 1  DC A H5     1 
ATOM 27  H H6     . DC A 1 1 ? 11.424  -3.030  3.302   1.00 0.90 ? 1  DC A H6     1 
ATOM 28  H "HO5'" . DC A 1 1 ? 13.805  -3.924  6.413   1.00 0.00 ? 1  DC A "HO5'" 1 
ATOM 29  P P      . DA A 1 2 ? 11.466  1.368   7.308   1.00 0.00 ? 2  DA A P      1 
ATOM 30  O OP1    . DA A 1 2 ? 12.040  2.120   8.442   1.00 0.00 ? 2  DA A OP1    1 
ATOM 31  O OP2    . DA A 1 2 ? 10.374  0.407   7.567   1.00 0.00 ? 2  DA A OP2    1 
ATOM 32  O "O5'"  . DA A 1 2 ? 10.965  2.399   6.177   1.00 0.00 ? 2  DA A "O5'"  1 
ATOM 33  C "C5'"  . DA A 1 2 ? 11.848  3.451   5.733   1.00 0.00 ? 2  DA A "C5'"  1 
ATOM 34  C "C4'"  . DA A 1 2 ? 11.222  4.247   4.602   1.00 0.00 ? 2  DA A "C4'"  1 
ATOM 35  O "O4'"  . DA A 1 2 ? 10.937  3.363   3.497   1.00 0.00 ? 2  DA A "O4'"  1 
ATOM 36  C "C3'"  . DA A 1 2 ? 9.916   4.880   5.046   1.00 0.00 ? 2  DA A "C3'"  1 
ATOM 37  O "O3'"  . DA A 1 2 ? 9.992   6.310   4.871   1.00 0.00 ? 2  DA A "O3'"  1 
ATOM 38  C "C2'"  . DA A 1 2 ? 8.864   4.238   4.166   1.00 0.00 ? 2  DA A "C2'"  1 
ATOM 39  C "C1'"  . DA A 1 2 ? 9.651   3.749   2.975   1.00 0.00 ? 2  DA A "C1'"  1 
ATOM 40  N N9     . DA A 1 2 ? 9.052   2.543   2.351   1.00 0.00 ? 2  DA A N9     1 
ATOM 41  C C8     . DA A 1 2 ? 8.825   1.363   2.943   1.00 0.00 ? 2  DA A C8     1 
ATOM 42  N N7     . DA A 1 2 ? 8.530   0.443   2.025   1.00 0.00 ? 2  DA A N7     1 
ATOM 43  C C5     . DA A 1 2 ? 8.545   1.046   0.851   1.00 0.00 ? 2  DA A C5     1 
ATOM 44  C C6     . DA A 1 2 ? 8.298   0.608   -0.447  1.00 0.00 ? 2  DA A C6     1 
ATOM 45  N N6     . DA A 1 2 ? 8.087   -0.686  -0.687  1.00 0.00 ? 2  DA A N6     1 
ATOM 46  N N1     . DA A 1 2 ? 8.349   1.486   -1.443  1.00 0.00 ? 2  DA A N1     1 
ATOM 47  C C2     . DA A 1 2 ? 8.636   2.755   -1.213  1.00 0.00 ? 2  DA A C2     1 
ATOM 48  N N3     . DA A 1 2 ? 8.893   3.216   0.008   1.00 0.00 ? 2  DA A N3     1 
ATOM 49  C C4     . DA A 1 2 ? 8.857   2.379   1.044   1.00 0.00 ? 2  DA A C4     1 
ATOM 50  H "H5'"  . DA A 1 2 ? 12.772  3.017   5.383   1.00 1.00 ? 2  DA A "H5'"  1 
ATOM 51  H "H5''" . DA A 1 2 ? 12.051  4.118   6.553   1.00 1.00 ? 2  DA A "H5''" 1 
ATOM 52  H "H4'"  . DA A 1 2 ? 11.902  5.023   4.275   1.00 1.00 ? 2  DA A "H4'"  1 
ATOM 53  H "H3'"  . DA A 1 2 ? 9.705   4.681   6.088   1.00 1.00 ? 2  DA A "H3'"  1 
ATOM 54  H "H2'"  . DA A 1 2 ? 8.388   3.392   4.652   1.00 0.85 ? 2  DA A "H2'"  1 
ATOM 55  H "H2''" . DA A 1 2 ? 8.111   4.926   3.838   1.00 0.85 ? 2  DA A "H2''" 1 
ATOM 56  H "H1'"  . DA A 1 2 ? 9.766   4.519   2.218   1.00 1.00 ? 2  DA A "H1'"  1 
ATOM 57  H H8     . DA A 1 2 ? 8.641   1.241   3.992   1.00 1.00 ? 2  DA A H8     1 
ATOM 58  H H61    . DA A 1 2 ? 7.932   -0.996  -1.578  1.00 0.00 ? 2  DA A H61    1 
ATOM 59  H H62    . DA A 1 2 ? 8.104   -1.312  0.047   1.00 0.00 ? 2  DA A H62    1 
ATOM 60  H H2     . DA A 1 2 ? 8.678   3.440   -2.039  1.00 1.00 ? 2  DA A H2     1 
ATOM 61  P P      . DT A 1 3 ? 8.930   7.301   5.566   1.00 0.00 ? 3  DT A P      1 
ATOM 62  O OP1    . DT A 1 3 ? 9.571   8.637   5.704   1.00 0.00 ? 3  DT A OP1    1 
ATOM 63  O OP2    . DT A 1 3 ? 8.362   6.657   6.764   1.00 0.00 ? 3  DT A OP2    1 
ATOM 64  O "O5'"  . DT A 1 3 ? 7.787   7.365   4.447   1.00 0.00 ? 3  DT A "O5'"  1 
ATOM 65  C "C5'"  . DT A 1 3 ? 8.000   8.095   3.223   1.00 0.00 ? 3  DT A "C5'"  1 
ATOM 66  C "C4'"  . DT A 1 3 ? 6.936   7.730   2.203   1.00 0.00 ? 3  DT A "C4'"  1 
ATOM 67  O "O4'"  . DT A 1 3 ? 6.952   6.318   1.916   1.00 0.00 ? 3  DT A "O4'"  1 
ATOM 68  C "C3'"  . DT A 1 3 ? 5.549   8.082   2.707   1.00 0.00 ? 3  DT A "C3'"  1 
ATOM 69  O "O3'"  . DT A 1 3 ? 5.070   9.206   1.937   1.00 0.00 ? 3  DT A "O3'"  1 
ATOM 70  C "C2'"  . DT A 1 3 ? 4.739   6.816   2.490   1.00 0.00 ? 3  DT A "C2'"  1 
ATOM 71  C "C1'"  . DT A 1 3 ? 5.601   6.005   1.548   1.00 0.00 ? 3  DT A "C1'"  1 
ATOM 72  N N1     . DT A 1 3 ? 5.389   4.539   1.680   1.00 0.00 ? 3  DT A N1     1 
ATOM 73  C C2     . DT A 1 3 ? 5.169   3.754   0.544   1.00 0.00 ? 3  DT A C2     1 
ATOM 74  O O2     . DT A 1 3 ? 4.968   4.259   -0.562  1.00 0.00 ? 3  DT A O2     1 
ATOM 75  N N3     . DT A 1 3 ? 5.104   2.364   0.666   1.00 0.00 ? 3  DT A N3     1 
ATOM 76  C C4     . DT A 1 3 ? 5.244   1.737   1.899   1.00 0.00 ? 3  DT A C4     1 
ATOM 77  O O4     . DT A 1 3 ? 5.179   0.509   1.957   1.00 0.00 ? 3  DT A O4     1 
ATOM 78  C C5     . DT A 1 3 ? 5.451   2.515   3.044   1.00 0.00 ? 3  DT A C5     1 
ATOM 79  C C7     . DT A 1 3 ? 5.713   1.887   4.416   1.00 0.00 ? 3  DT A C7     1 
ATOM 80  C C6     . DT A 1 3 ? 5.521   3.890   2.928   1.00 0.00 ? 3  DT A C6     1 
ATOM 81  H "H5'"  . DT A 1 3 ? 8.979   7.861   2.827   1.00 1.00 ? 3  DT A "H5'"  1 
ATOM 82  H "H5''" . DT A 1 3 ? 7.947   9.156   3.418   1.00 1.00 ? 3  DT A "H5''" 1 
ATOM 83  H "H4'"  . DT A 1 3 ? 7.127   8.267   1.284   1.00 1.00 ? 3  DT A "H4'"  1 
ATOM 84  H "H3'"  . DT A 1 3 ? 5.567   8.361   3.751   1.00 1.00 ? 3  DT A "H3'"  1 
ATOM 85  H "H2'"  . DT A 1 3 ? 4.569   6.260   3.393   1.00 0.85 ? 3  DT A "H2'"  1 
ATOM 86  H "H2''" . DT A 1 3 ? 3.787   7.018   2.023   1.00 0.85 ? 3  DT A "H2''" 1 
ATOM 87  H "H1'"  . DT A 1 3 ? 5.445   6.277   0.509   1.00 1.00 ? 3  DT A "H1'"  1 
ATOM 88  H H3     . DT A 1 3 ? 4.972   1.836   -0.124  1.00 0.00 ? 3  DT A H3     1 
ATOM 89  H H71    . DT A 1 3 ? 4.860   1.286   4.669   1.00 0.65 ? 3  DT A H71    1 
ATOM 90  H H72    . DT A 1 3 ? 6.609   1.285   4.326   1.00 0.65 ? 3  DT A H72    1 
ATOM 91  H H73    . DT A 1 3 ? 5.848   2.709   5.112   1.00 0.65 ? 3  DT A H73    1 
ATOM 92  H H6     . DT A 1 3 ? 5.621   4.479   3.827   1.00 1.00 ? 3  DT A H6     1 
ATOM 93  P P      . DG A 1 4 ? 3.575   9.816   2.034   1.00 0.00 ? 4  DG A P      1 
ATOM 94  O OP1    . DG A 1 4 ? 3.624   11.242  1.633   1.00 0.00 ? 4  DG A OP1    1 
ATOM 95  O OP2    . DG A 1 4 ? 2.964   9.448   3.331   1.00 0.00 ? 4  DG A OP2    1 
ATOM 96  O "O5'"  . DG A 1 4 ? 2.848   8.965   0.873   1.00 0.00 ? 4  DG A "O5'"  1 
ATOM 97  C "C5'"  . DG A 1 4 ? 3.302   9.096   -0.484  1.00 0.00 ? 4  DG A "C5'"  1 
ATOM 98  C "C4'"  . DG A 1 4 ? 2.599   8.126   -1.417  1.00 0.00 ? 4  DG A "C4'"  1 
ATOM 99  O "O4'"  . DG A 1 4 ? 2.807   6.774   -0.958  1.00 0.00 ? 4  DG A "O4'"  1 
ATOM 100 C "C3'"  . DG A 1 4 ? 1.096   8.370   -1.459  1.00 0.00 ? 4  DG A "C3'"  1 
ATOM 101 O "O3'"  . DG A 1 4 ? 0.703   8.493   -2.833  1.00 0.00 ? 4  DG A "O3'"  1 
ATOM 102 C "C2'"  . DG A 1 4 ? 0.516   7.163   -0.756  1.00 0.00 ? 4  DG A "C2'"  1 
ATOM 103 C "C1'"  . DG A 1 4 ? 1.545   6.095   -1.066  1.00 0.00 ? 4  DG A "C1'"  1 
ATOM 104 N N9     . DG A 1 4 ? 1.526   4.969   -0.111  1.00 0.00 ? 4  DG A N9     1 
ATOM 105 C C8     . DG A 1 4 ? 1.656   5.012   1.222   1.00 0.00 ? 4  DG A C8     1 
ATOM 106 N N7     . DG A 1 4 ? 1.770   3.781   1.714   1.00 0.00 ? 4  DG A N7     1 
ATOM 107 C C5     . DG A 1 4 ? 1.676   2.941   0.694   1.00 0.00 ? 4  DG A C5     1 
ATOM 108 C C6     . DG A 1 4 ? 1.661   1.556   0.620   1.00 0.00 ? 4  DG A C6     1 
ATOM 109 O O6     . DG A 1 4 ? 1.864   0.878   1.622   1.00 0.00 ? 4  DG A O6     1 
ATOM 110 N N1     . DG A 1 4 ? 1.453   0.971   -0.623  1.00 0.00 ? 4  DG A N1     1 
ATOM 111 C C2     . DG A 1 4 ? 1.294   1.758   -1.756  1.00 0.00 ? 4  DG A C2     1 
ATOM 112 N N2     . DG A 1 4 ? 1.035   1.207   -2.926  1.00 0.00 ? 4  DG A N2     1 
ATOM 113 N N3     . DG A 1 4 ? 1.346   3.095   -1.653  1.00 0.00 ? 4  DG A N3     1 
ATOM 114 C C4     . DG A 1 4 ? 1.525   3.685   -0.470  1.00 0.00 ? 4  DG A C4     1 
ATOM 115 H "H5'"  . DG A 1 4 ? 4.363   8.914   -0.521  1.00 1.00 ? 4  DG A "H5'"  1 
ATOM 116 H "H5''" . DG A 1 4 ? 3.106   10.106  -0.820  1.00 1.00 ? 4  DG A "H5''" 1 
ATOM 117 H "H4'"  . DG A 1 4 ? 2.992   8.222   -2.419  1.00 1.00 ? 4  DG A "H4'"  1 
ATOM 118 H "H3'"  . DG A 1 4 ? 0.812   9.256   -0.915  1.00 1.00 ? 4  DG A "H3'"  1 
ATOM 119 H "H2'"  . DG A 1 4 ? 0.416   7.303   0.311   1.00 0.85 ? 4  DG A "H2'"  1 
ATOM 120 H "H2''" . DG A 1 4 ? -0.447  6.875   -1.154  1.00 0.85 ? 4  DG A "H2''" 1 
ATOM 121 H "H1'"  . DG A 1 4 ? 1.426   5.710   -2.070  1.00 1.00 ? 4  DG A "H1'"  1 
ATOM 122 H H8     . DG A 1 4 ? 1.540   5.904   1.821   1.00 1.00 ? 4  DG A H8     1 
ATOM 123 H H1     . DG A 1 4 ? 1.430   0.014   -0.697  1.00 0.00 ? 4  DG A H1     1 
ATOM 124 H H21    . DG A 1 4 ? 0.985   0.243   -3.011  1.00 0.00 ? 4  DG A H21    1 
ATOM 125 H H22    . DG A 1 4 ? 0.896   1.757   -3.705  1.00 0.00 ? 4  DG A H22    1 
ATOM 126 P P      . DC A 1 5 ? -0.822  8.611   -3.347  1.00 0.00 ? 5  DC A P      1 
ATOM 127 O OP1    . DC A 1 5 ? -0.830  9.402   -4.597  1.00 0.00 ? 5  DC A OP1    1 
ATOM 128 O OP2    . DC A 1 5 ? -1.706  9.018   -2.233  1.00 0.00 ? 5  DC A OP2    1 
ATOM 129 O "O5'"  . DC A 1 5 ? -1.135  7.073   -3.702  1.00 0.00 ? 5  DC A "O5'"  1 
ATOM 130 C "C5'"  . DC A 1 5 ? -0.421  6.411   -4.766  1.00 0.00 ? 5  DC A "C5'"  1 
ATOM 131 C "C4'"  . DC A 1 5 ? -0.912  4.993   -4.982  1.00 0.00 ? 5  DC A "C4'"  1 
ATOM 132 O "O4'"  . DC A 1 5 ? -0.723  4.223   -3.785  1.00 0.00 ? 5  DC A "O4'"  1 
ATOM 133 C "C3'"  . DC A 1 5 ? -2.394  4.977   -5.303  1.00 0.00 ? 5  DC A "C3'"  1 
ATOM 134 O "O3'"  . DC A 1 5 ? -2.600  4.250   -6.529  1.00 0.00 ? 5  DC A "O3'"  1 
ATOM 135 C "C2'"  . DC A 1 5 ? -3.042  4.325   -4.094  1.00 0.00 ? 5  DC A "C2'"  1 
ATOM 136 C "C1'"  . DC A 1 5 ? -1.917  3.458   -3.557  1.00 0.00 ? 5  DC A "C1'"  1 
ATOM 137 N N1     . DC A 1 5 ? -2.052  3.232   -2.093  1.00 0.00 ? 5  DC A N1     1 
ATOM 138 C C2     . DC A 1 5 ? -1.958  1.945   -1.561  1.00 0.00 ? 5  DC A C2     1 
ATOM 139 O O2     . DC A 1 5 ? -2.080  0.954   -2.298  1.00 0.00 ? 5  DC A O2     1 
ATOM 140 N N3     . DC A 1 5 ? -1.890  1.773   -0.247  1.00 0.00 ? 5  DC A N3     1 
ATOM 141 C C4     . DC A 1 5 ? -1.924  2.791   0.626   1.00 0.00 ? 5  DC A C4     1 
ATOM 142 N N4     . DC A 1 5 ? -1.731  2.561   1.911   1.00 0.00 ? 5  DC A N4     1 
ATOM 143 C C5     . DC A 1 5 ? -2.069  4.089   0.162   1.00 0.00 ? 5  DC A C5     1 
ATOM 144 C C6     . DC A 1 5 ? -2.131  4.315   -1.202  1.00 0.00 ? 5  DC A C6     1 
ATOM 145 H "H5'"  . DC A 1 5 ? 0.627   6.393   -4.527  1.00 1.00 ? 5  DC A "H5'"  1 
ATOM 146 H "H5''" . DC A 1 5 ? -0.566  6.972   -5.685  1.00 1.00 ? 5  DC A "H5''" 1 
ATOM 147 H "H4'"  . DC A 1 5 ? -0.383  4.544   -5.802  1.00 1.00 ? 5  DC A "H4'"  1 
ATOM 148 H "H3'"  . DC A 1 5 ? -2.765  5.978   -5.449  1.00 1.00 ? 5  DC A "H3'"  1 
ATOM 149 H "H2'"  . DC A 1 5 ? -3.338  5.021   -3.328  1.00 0.85 ? 5  DC A "H2'"  1 
ATOM 150 H "H2''" . DC A 1 5 ? -3.886  3.708   -4.370  1.00 0.85 ? 5  DC A "H2''" 1 
ATOM 151 H "H1'"  . DC A 1 5 ? -1.846  2.513   -4.065  1.00 1.00 ? 5  DC A "H1'"  1 
ATOM 152 H H41    . DC A 1 5 ? -1.569  1.656   2.212   1.00 0.00 ? 5  DC A H41    1 
ATOM 153 H H42    . DC A 1 5 ? -1.724  3.280   2.536   1.00 0.00 ? 5  DC A H42    1 
ATOM 154 H H5     . DC A 1 5 ? -2.011  4.920   0.842   1.00 1.00 ? 5  DC A H5     1 
ATOM 155 H H6     . DC A 1 5 ? -2.145  5.323   -1.588  1.00 1.00 ? 5  DC A H6     1 
ATOM 156 P P      . DA A 1 6 ? -4.053  3.844   -7.120  1.00 0.00 ? 6  DA A P      1 
ATOM 157 O OP1    . DA A 1 6 ? -3.919  3.668   -8.578  1.00 0.00 ? 6  DA A OP1    1 
ATOM 158 O OP2    . DA A 1 6 ? -5.081  4.774   -6.596  1.00 0.00 ? 6  DA A OP2    1 
ATOM 159 O "O5'"  . DA A 1 6 ? -4.256  2.400   -6.428  1.00 0.00 ? 6  DA A "O5'"  1 
ATOM 160 C "C5'"  . DA A 1 6 ? -3.385  1.315   -6.767  1.00 0.00 ? 6  DA A "C5'"  1 
ATOM 161 C "C4'"  . DA A 1 6 ? -3.820  -0.002  -6.158  1.00 0.00 ? 6  DA A "C4'"  1 
ATOM 162 O "O4'"  . DA A 1 6 ? -3.811  0.080   -4.718  1.00 0.00 ? 6  DA A "O4'"  1 
ATOM 163 C "C3'"  . DA A 1 6 ? -5.236  -0.363  -6.575  1.00 0.00 ? 6  DA A "C3'"  1 
ATOM 164 O "O3'"  . DA A 1 6 ? -5.266  -1.727  -7.024  1.00 0.00 ? 6  DA A "O3'"  1 
ATOM 165 C "C2'"  . DA A 1 6 ? -6.063  -0.144  -5.314  1.00 0.00 ? 6  DA A "C2'"  1 
ATOM 166 C "C1'"  . DA A 1 6 ? -5.054  -0.474  -4.232  1.00 0.00 ? 6  DA A "C1'"  1 
ATOM 167 N N9     . DA A 1 6 ? -5.367  0.147   -2.927  1.00 0.00 ? 6  DA A N9     1 
ATOM 168 C C8     . DA A 1 6 ? -5.393  1.455   -2.664  1.00 0.00 ? 6  DA A C8     1 
ATOM 169 N N7     . DA A 1 6 ? -5.265  1.667   -1.363  1.00 0.00 ? 6  DA A N7     1 
ATOM 170 C C5     . DA A 1 6 ? -5.192  0.482   -0.775  1.00 0.00 ? 6  DA A C5     1 
ATOM 171 C C6     . DA A 1 6 ? -5.085  0.083   0.545   1.00 0.00 ? 6  DA A C6     1 
ATOM 172 N N6     . DA A 1 6 ? -4.803  0.969   1.486   1.00 0.00 ? 6  DA A N6     1 
ATOM 173 N N1     . DA A 1 6 ? -5.118  -1.223  0.830   1.00 0.00 ? 6  DA A N1     1 
ATOM 174 C C2     . DA A 1 6 ? -5.241  -2.117  -0.141  1.00 0.00 ? 6  DA A C2     1 
ATOM 175 N N3     . DA A 1 6 ? -5.313  -1.779  -1.415  1.00 0.00 ? 6  DA A N3     1 
ATOM 176 C C4     . DA A 1 6 ? -5.297  -0.486  -1.764  1.00 0.00 ? 6  DA A C4     1 
ATOM 177 H "H5'"  . DA A 1 6 ? -2.388  1.552   -6.423  1.00 1.00 ? 6  DA A "H5'"  1 
ATOM 178 H "H5''" . DA A 1 6 ? -3.361  1.205   -7.844  1.00 1.00 ? 6  DA A "H5''" 1 
ATOM 179 H "H4'"  . DA A 1 6 ? -3.151  -0.794  -6.469  1.00 1.00 ? 6  DA A "H4'"  1 
ATOM 180 H "H3'"  . DA A 1 6 ? -5.595  0.271   -7.375  1.00 1.00 ? 6  DA A "H3'"  1 
ATOM 181 H "H2'"  . DA A 1 6 ? -6.400  0.882   -5.177  1.00 0.85 ? 6  DA A "H2'"  1 
ATOM 182 H "H2''" . DA A 1 6 ? -6.915  -0.796  -5.249  1.00 0.85 ? 6  DA A "H2''" 1 
ATOM 183 H "H1'"  . DA A 1 6 ? -4.951  -1.541  -4.101  1.00 1.00 ? 6  DA A "H1'"  1 
ATOM 184 H H8     . DA A 1 6 ? -5.696  2.204   -3.388  1.00 1.00 ? 6  DA A H8     1 
ATOM 185 H H61    . DA A 1 6 ? -4.661  0.688   2.390   1.00 0.00 ? 6  DA A H61    1 
ATOM 186 H H62    . DA A 1 6 ? -4.685  1.899   1.251   1.00 0.00 ? 6  DA A H62    1 
ATOM 187 H H2     . DA A 1 6 ? -5.245  -3.168  0.122   1.00 1.00 ? 6  DA A H2     1 
ATOM 188 P P      . DT A 1 7 ? -6.529  -2.354  -7.790  1.00 0.00 ? 7  DT A P      1 
ATOM 189 O OP1    . DT A 1 7 ? -6.057  -3.509  -8.601  1.00 0.00 ? 7  DT A OP1    1 
ATOM 190 O OP2    . DT A 1 7 ? -7.285  -1.280  -8.467  1.00 0.00 ? 7  DT A OP2    1 
ATOM 191 O "O5'"  . DT A 1 7 ? -7.405  -2.883  -6.551  1.00 0.00 ? 7  DT A "O5'"  1 
ATOM 192 C "C5'"  . DT A 1 7 ? -7.069  -4.107  -5.881  1.00 0.00 ? 7  DT A "C5'"  1 
ATOM 193 C "C4'"  . DT A 1 7 ? -7.856  -4.235  -4.592  1.00 0.00 ? 7  DT A "C4'"  1 
ATOM 194 O "O4'"  . DT A 1 7 ? -7.581  -3.143  -3.683  1.00 0.00 ? 7  DT A "O4'"  1 
ATOM 195 C "C3'"  . DT A 1 7 ? -9.349  -4.223  -4.854  1.00 0.00 ? 7  DT A "C3'"  1 
ATOM 196 O "O3'"  . DT A 1 7 ? -9.837  -5.568  -4.785  1.00 0.00 ? 7  DT A "O3'"  1 
ATOM 197 C "C2'"  . DT A 1 7 ? -9.901  -3.332  -3.752  1.00 0.00 ? 7  DT A "C2'"  1 
ATOM 198 C "C1'"  . DT A 1 7 ? -8.727  -3.131  -2.818  1.00 0.00 ? 7  DT A "C1'"  1 
ATOM 199 N N1     . DT A 1 7 ? -8.768  -1.853  -2.067  1.00 0.00 ? 7  DT A N1     1 
ATOM 200 C C2     . DT A 1 7 ? -8.626  -1.873  -0.678  1.00 0.00 ? 7  DT A C2     1 
ATOM 201 O O2     . DT A 1 7 ? -8.664  -2.911  -0.030  1.00 0.00 ? 7  DT A O2     1 
ATOM 202 N N3     . DT A 1 7 ? -8.521  -0.670  0.017   1.00 0.00 ? 7  DT A N3     1 
ATOM 203 C C4     . DT A 1 7 ? -8.598  0.555   -0.643  1.00 0.00 ? 7  DT A C4     1 
ATOM 204 O O4     . DT A 1 7 ? -8.427  1.588   -0.001  1.00 0.00 ? 7  DT A O4     1 
ATOM 205 C C5     . DT A 1 7 ? -8.780  0.582   -2.018  1.00 0.00 ? 7  DT A C5     1 
ATOM 206 C C7     . DT A 1 7 ? -9.018  1.880   -2.788  1.00 0.00 ? 7  DT A C7     1 
ATOM 207 C C6     . DT A 1 7 ? -8.849  -0.615  -2.724  1.00 0.00 ? 7  DT A C6     1 
ATOM 208 H "H5'"  . DT A 1 7 ? -6.008  -4.138  -5.667  1.00 1.00 ? 7  DT A "H5'"  1 
ATOM 209 H "H5''" . DT A 1 7 ? -7.317  -4.952  -6.516  1.00 1.00 ? 7  DT A "H5''" 1 
ATOM 210 H "H4'"  . DT A 1 7 ? -7.606  -5.157  -4.103  1.00 1.00 ? 7  DT A "H4'"  1 
ATOM 211 H "H3'"  . DT A 1 7 ? -9.593  -3.806  -5.825  1.00 1.00 ? 7  DT A "H3'"  1 
ATOM 212 H "H2'"  . DT A 1 7 ? -10.237 -2.366  -4.134  1.00 0.85 ? 7  DT A "H2'"  1 
ATOM 213 H "H2''" . DT A 1 7 ? -10.708 -3.810  -3.225  1.00 0.85 ? 7  DT A "H2''" 1 
ATOM 214 H "H1'"  . DT A 1 7 ? -8.647  -3.944  -2.111  1.00 1.00 ? 7  DT A "H1'"  1 
ATOM 215 H H3     . DT A 1 7 ? -8.388  -0.681  0.966   1.00 0.00 ? 7  DT A H3     1 
ATOM 216 H H71    . DT A 1 7 ? -9.866  2.367   -2.336  1.00 0.65 ? 7  DT A H71    1 
ATOM 217 H H72    . DT A 1 7 ? -8.123  2.478   -2.703  1.00 0.65 ? 7  DT A H72    1 
ATOM 218 H H73    . DT A 1 7 ? -9.219  1.611   -3.811  1.00 0.65 ? 7  DT A H73    1 
ATOM 219 H H6     . DT A 1 7 ? -9.009  -0.575  -3.789  1.00 1.00 ? 7  DT A H6     1 
ATOM 220 P P      . DG A 1 8 ? -11.394 -5.979  -4.951  1.00 0.00 ? 8  DG A P      1 
ATOM 221 O OP1    . DG A 1 8 ? -11.450 -7.410  -5.353  1.00 0.00 ? 8  DG A OP1    1 
ATOM 222 O OP2    . DG A 1 8 ? -12.085 -4.974  -5.782  1.00 0.00 ? 8  DG A OP2    1 
ATOM 223 O "O5'"  . DG A 1 8 ? -11.911 -5.827  -3.431  1.00 0.00 ? 8  DG A "O5'"  1 
ATOM 224 C "C5'"  . DG A 1 8 ? -11.406 -6.699  -2.406  1.00 0.00 ? 8  DG A "C5'"  1 
ATOM 225 C "C4'"  . DG A 1 8 ? -11.850 -6.230  -1.040  1.00 0.00 ? 8  DG A "C4'"  1 
ATOM 226 O "O4'"  . DG A 1 8 ? -11.363 -4.890  -0.822  1.00 0.00 ? 8  DG A "O4'"  1 
ATOM 227 C "C3'"  . DG A 1 8 ? -13.362 -6.179  -0.911  1.00 0.00 ? 8  DG A "C3'"  1 
ATOM 228 O "O3'"  . DG A 1 8 ? -13.798 -6.883  0.246   1.00 0.00 ? 8  DG A "O3'"  1 
ATOM 229 C "C2'"  . DG A 1 8 ? -13.690 -4.712  -0.772  1.00 0.00 ? 8  DG A "C2'"  1 
ATOM 230 C "C1'"  . DG A 1 8 ? -12.418 -4.214  -0.120  1.00 0.00 ? 8  DG A "C1'"  1 
ATOM 231 N N9     . DG A 1 8 ? -12.239 -2.743  -0.197  1.00 0.00 ? 8  DG A N9     1 
ATOM 232 C C8     . DG A 1 8 ? -12.244 -1.956  -1.274  1.00 0.00 ? 8  DG A C8     1 
ATOM 233 N N7     . DG A 1 8 ? -11.948 -0.709  -0.916  1.00 0.00 ? 8  DG A N7     1 
ATOM 234 C C5     . DG A 1 8 ? -11.764 -0.710  0.393   1.00 0.00 ? 8  DG A C5     1 
ATOM 235 C C6     . DG A 1 8 ? -11.461 0.299   1.302   1.00 0.00 ? 8  DG A C6     1 
ATOM 236 O O6     . DG A 1 8 ? -11.306 1.447   0.922   1.00 0.00 ? 8  DG A O6     1 
ATOM 237 N N1     . DG A 1 8 ? -11.354 -0.037  2.647   1.00 0.00 ? 8  DG A N1     1 
ATOM 238 C C2     . DG A 1 8 ? -11.556 -1.363  3.058   1.00 0.00 ? 8  DG A C2     1 
ATOM 239 N N2     . DG A 1 8 ? -11.465 -1.690  4.345   1.00 0.00 ? 8  DG A N2     1 
ATOM 240 N N3     . DG A 1 8 ? -11.846 -2.301  2.156   1.00 0.00 ? 8  DG A N3     1 
ATOM 241 C C4     . DG A 1 8 ? -11.951 -1.998  0.854   1.00 0.00 ? 8  DG A C4     1 
ATOM 242 H "H5'"  . DG A 1 8 ? -10.324 -6.720  -2.447  1.00 0.95 ? 8  DG A "H5'"  1 
ATOM 243 H "H5''" . DG A 1 8 ? -11.776 -7.699  -2.568  1.00 0.95 ? 8  DG A "H5''" 1 
ATOM 244 H "H4'"  . DG A 1 8 ? -11.438 -6.883  -0.277  1.00 0.95 ? 8  DG A "H4'"  1 
ATOM 245 H "H3'"  . DG A 1 8 ? -13.856 -6.616  -1.787  1.00 0.90 ? 8  DG A "H3'"  1 
ATOM 246 H "HO3'" . DG A 1 8 ? -13.473 -6.632  1.115   1.00 0.00 ? 8  DG A "HO3'" 1 
ATOM 247 H "H2'"  . DG A 1 8 ? -13.848 -4.178  -1.697  1.00 0.80 ? 8  DG A "H2'"  1 
ATOM 248 H "H2''" . DG A 1 8 ? -14.528 -4.505  -0.110  1.00 0.80 ? 8  DG A "H2''" 1 
ATOM 249 H "H1'"  . DG A 1 8 ? -12.395 -4.488  0.925   1.00 0.90 ? 8  DG A "H1'"  1 
ATOM 250 H H8     . DG A 1 8 ? -12.547 -2.261  -2.261  1.00 0.90 ? 8  DG A H8     1 
ATOM 251 H H1     . DG A 1 8 ? -11.122 0.631   3.291   1.00 0.00 ? 8  DG A H1     1 
ATOM 252 H H21    . DG A 1 8 ? -11.255 -1.024  5.000   1.00 0.00 ? 8  DG A H21    1 
ATOM 253 H H22    . DG A 1 8 ? -11.622 -2.594  4.608   1.00 0.00 ? 8  DG A H22    1 
ATOM 254 O "O5'"  . DC B 1 1 ? -9.966  5.742   9.912   1.00 0.00 ? 9  DC B "O5'"  1 
ATOM 255 C "C5'"  . DC B 1 1 ? -10.655 4.705   10.619  1.00 0.00 ? 9  DC B "C5'"  1 
ATOM 256 C "C4'"  . DC B 1 1 ? -10.306 3.337   10.029  1.00 0.00 ? 9  DC B "C4'"  1 
ATOM 257 O "O4'"  . DC B 1 1 ? -10.650 3.291   8.633   1.00 0.00 ? 9  DC B "O4'"  1 
ATOM 258 C "C3'"  . DC B 1 1 ? -8.818  3.042   10.131  1.00 0.00 ? 9  DC B "C3'"  1 
ATOM 259 O "O3'"  . DC B 1 1 ? -8.606  2.125   11.210  1.00 0.00 ? 9  DC B "O3'"  1 
ATOM 260 C "C2'"  . DC B 1 1 ? -8.457  2.439   8.788   1.00 0.00 ? 9  DC B "C2'"  1 
ATOM 261 C "C1'"  . DC B 1 1 ? -9.784  2.293   8.068   1.00 0.00 ? 9  DC B "C1'"  1 
ATOM 262 N N1     . DC B 1 1 ? -9.662  2.560   6.604   1.00 0.00 ? 9  DC B N1     1 
ATOM 263 C C2     . DC B 1 1 ? -10.145 1.622   5.690   1.00 0.00 ? 9  DC B C2     1 
ATOM 264 O O2     . DC B 1 1 ? -10.355 0.463   6.038   1.00 0.00 ? 9  DC B O2     1 
ATOM 265 N N3     . DC B 1 1 ? -10.258 1.949   4.404   1.00 0.00 ? 9  DC B N3     1 
ATOM 266 C C4     . DC B 1 1 ? -9.893  3.148   3.924   1.00 0.00 ? 9  DC B C4     1 
ATOM 267 N N4     . DC B 1 1 ? -10.068 3.437   2.643   1.00 0.00 ? 9  DC B N4     1 
ATOM 268 C C5     . DC B 1 1 ? -9.372  4.114   4.782   1.00 0.00 ? 9  DC B C5     1 
ATOM 269 C C6     . DC B 1 1 ? -9.257  3.819   6.127   1.00 0.00 ? 9  DC B C6     1 
ATOM 270 H "H5'"  . DC B 1 1 ? -11.724 4.858   10.547  1.00 0.75 ? 9  DC B "H5'"  1 
ATOM 271 H "H5''" . DC B 1 1 ? -10.361 4.717   11.659  1.00 0.75 ? 9  DC B "H5''" 1 
ATOM 272 H "H4'"  . DC B 1 1 ? -10.861 2.568   10.558  1.00 0.75 ? 9  DC B "H4'"  1 
ATOM 273 H "H3'"  . DC B 1 1 ? -8.249  3.936   10.311  1.00 0.75 ? 9  DC B "H3'"  1 
ATOM 274 H "H2'"  . DC B 1 1 ? -7.806  3.078   8.203   1.00 0.70 ? 9  DC B "H2'"  1 
ATOM 275 H "H2''" . DC B 1 1 ? -7.972  1.480   8.887   1.00 0.70 ? 9  DC B "H2''" 1 
ATOM 276 H "H1'"  . DC B 1 1 ? -10.223 1.310   8.201   1.00 0.85 ? 9  DC B "H1'"  1 
ATOM 277 H H41    . DC B 1 1 ? -10.455 2.778   2.059   1.00 0.00 ? 9  DC B H41    1 
ATOM 278 H H42    . DC B 1 1 ? -9.816  4.286   2.300   1.00 0.00 ? 9  DC B H42    1 
ATOM 279 H H5     . DC B 1 1 ? -9.100  5.088   4.397   1.00 0.90 ? 9  DC B H5     1 
ATOM 280 H H6     . DC B 1 1 ? -9.014  4.604   6.840   1.00 0.90 ? 9  DC B H6     1 
ATOM 281 H "HO5'" . DC B 1 1 ? -9.913  5.506   8.978   1.00 0.00 ? 9  DC B "HO5'" 1 
ATOM 282 P P      . DA B 1 2 ? -7.153  1.542   11.615  1.00 0.00 ? 10 DA B P      1 
ATOM 283 O OP1    . DA B 1 2 ? -7.176  1.183   13.053  1.00 0.00 ? 10 DA B OP1    1 
ATOM 284 O OP2    . DA B 1 2 ? -6.096  2.456   11.130  1.00 0.00 ? 10 DA B OP2    1 
ATOM 285 O "O5'"  . DA B 1 2 ? -7.099  0.196   10.724  1.00 0.00 ? 10 DA B "O5'"  1 
ATOM 286 C "C5'"  . DA B 1 2 ? -8.007  -0.875  11.000  1.00 0.00 ? 10 DA B "C5'"  1 
ATOM 287 C "C4'"  . DA B 1 2 ? -7.843  -2.000  9.993   1.00 0.00 ? 10 DA B "C4'"  1 
ATOM 288 O "O4'"  . DA B 1 2 ? -8.115  -1.503  8.672   1.00 0.00 ? 10 DA B "O4'"  1 
ATOM 289 C "C3'"  . DA B 1 2 ? -6.424  -2.549  10.006  1.00 0.00 ? 10 DA B "C3'"  1 
ATOM 290 O "O3'"  . DA B 1 2 ? -6.446  -3.955  10.308  1.00 0.00 ? 10 DA B "O3'"  1 
ATOM 291 C "C2'"  . DA B 1 2 ? -5.892  -2.247  8.625   1.00 0.00 ? 10 DA B "C2'"  1 
ATOM 292 C "C1'"  . DA B 1 2 ? -7.145  -2.085  7.791   1.00 0.00 ? 10 DA B "C1'"  1 
ATOM 293 N N9     . DA B 1 2 ? -6.961  -1.141  6.651   1.00 0.00 ? 10 DA B N9     1 
ATOM 294 C C8     . DA B 1 2 ? -6.573  0.130   6.733   1.00 0.00 ? 10 DA B C8     1 
ATOM 295 N N7     . DA B 1 2 ? -6.755  0.743   5.560   1.00 0.00 ? 10 DA B N7     1 
ATOM 296 C C5     . DA B 1 2 ? -7.244  -0.164  4.726   1.00 0.00 ? 10 DA B C5     1 
ATOM 297 C C6     . DA B 1 2 ? -7.612  -0.120  3.393   1.00 0.00 ? 10 DA B C6     1 
ATOM 298 N N6     . DA B 1 2 ? -7.532  1.017   2.716   1.00 0.00 ? 10 DA B N6     1 
ATOM 299 N N1     . DA B 1 2 ? -8.053  -1.244  2.813   1.00 0.00 ? 10 DA B N1     1 
ATOM 300 C C2     . DA B 1 2 ? -8.147  -2.364  3.496   1.00 0.00 ? 10 DA B C2     1 
ATOM 301 N N3     . DA B 1 2 ? -7.817  -2.445  4.769   1.00 0.00 ? 10 DA B N3     1 
ATOM 302 C C4     . DA B 1 2 ? -7.364  -1.363  5.411   1.00 0.00 ? 10 DA B C4     1 
ATOM 303 H "H5'"  . DA B 1 2 ? -9.018  -0.516  10.954  1.00 1.00 ? 10 DA B "H5'"  1 
ATOM 304 H "H5''" . DA B 1 2 ? -7.815  -1.268  11.988  1.00 1.00 ? 10 DA B "H5''" 1 
ATOM 305 H "H4'"  . DA B 1 2 ? -8.530  -2.806  10.220  1.00 1.00 ? 10 DA B "H4'"  1 
ATOM 306 H "H3'"  . DA B 1 2 ? -5.820  -2.048  10.749  1.00 1.00 ? 10 DA B "H3'"  1 
ATOM 307 H "H2'"  . DA B 1 2 ? -5.322  -1.331  8.594   1.00 0.85 ? 10 DA B "H2'"  1 
ATOM 308 H "H2''" . DA B 1 2 ? -5.298  -3.051  8.232   1.00 0.85 ? 10 DA B "H2''" 1 
ATOM 309 H "H1'"  . DA B 1 2 ? -7.503  -3.031  7.405   1.00 1.00 ? 10 DA B "H1'"  1 
ATOM 310 H H8     . DA B 1 2 ? -5.962  0.537   7.525   1.00 1.00 ? 10 DA B H8     1 
ATOM 311 H H61    . DA B 1 2 ? -7.785  1.052   1.788   1.00 0.00 ? 10 DA B H61    1 
ATOM 312 H H62    . DA B 1 2 ? -7.216  1.814   3.150   1.00 0.00 ? 10 DA B H62    1 
ATOM 313 H H2     . DA B 1 2 ? -8.506  -3.249  2.990   1.00 1.00 ? 10 DA B H2     1 
ATOM 314 P P      . DT B 1 3 ? -5.115  -4.756  10.738  1.00 0.00 ? 11 DT B P      1 
ATOM 315 O OP1    . DT B 1 3 ? -5.522  -5.934  11.533  1.00 0.00 ? 11 DT B OP1    1 
ATOM 316 O OP2    . DT B 1 3 ? -4.132  -3.807  11.315  1.00 0.00 ? 11 DT B OP2    1 
ATOM 317 O "O5'"  . DT B 1 3 ? -4.562  -5.232  9.304   1.00 0.00 ? 11 DT B "O5'"  1 
ATOM 318 C "C5'"  . DT B 1 3 ? -5.256  -6.249  8.565   1.00 0.00 ? 11 DT B "C5'"  1 
ATOM 319 C "C4'"  . DT B 1 3 ? -4.741  -6.317  7.137   1.00 0.00 ? 11 DT B "C4'"  1 
ATOM 320 O "O4'"  . DT B 1 3 ? -4.962  -5.060  6.460   1.00 0.00 ? 11 DT B "O4'"  1 
ATOM 321 C "C3'"  . DT B 1 3 ? -3.250  -6.606  7.097   1.00 0.00 ? 11 DT B "C3'"  1 
ATOM 322 O "O3'"  . DT B 1 3 ? -3.061  -7.928  6.566   1.00 0.00 ? 11 DT B "O3'"  1 
ATOM 323 C "C2'"  . DT B 1 3 ? -2.677  -5.514  6.201   1.00 0.00 ? 11 DT B "C2'"  1 
ATOM 324 C "C1'"  . DT B 1 3 ? -3.901  -4.959  5.491   1.00 0.00 ? 11 DT B "C1'"  1 
ATOM 325 N N1     . DT B 1 3 ? -3.757  -3.530  5.108   1.00 0.00 ? 11 DT B N1     1 
ATOM 326 C C2     . DT B 1 3 ? -4.100  -3.117  3.811   1.00 0.00 ? 11 DT B C2     1 
ATOM 327 O O2     . DT B 1 3 ? -4.368  -3.919  2.920   1.00 0.00 ? 11 DT B O2     1 
ATOM 328 N N3     . DT B 1 3 ? -4.078  -1.754  3.499   1.00 0.00 ? 11 DT B N3     1 
ATOM 329 C C4     . DT B 1 3 ? -3.728  -0.800  4.443   1.00 0.00 ? 11 DT B C4     1 
ATOM 330 O O4     . DT B 1 3 ? -3.724  0.390   4.121   1.00 0.00 ? 11 DT B O4     1 
ATOM 331 C C5     . DT B 1 3 ? -3.395  -1.206  5.732   1.00 0.00 ? 11 DT B C5     1 
ATOM 332 C C7     . DT B 1 3 ? -3.110  -0.213  6.863   1.00 0.00 ? 11 DT B C7     1 
ATOM 333 C C6     . DT B 1 3 ? -3.399  -2.555  6.046   1.00 0.00 ? 11 DT B C6     1 
ATOM 334 H "H5'"  . DT B 1 3 ? -6.315  -6.022  8.551   1.00 1.00 ? 11 DT B "H5'"  1 
ATOM 335 H "H5''" . DT B 1 3 ? -5.105  -7.209  9.038   1.00 1.00 ? 11 DT B "H5''" 1 
ATOM 336 H "H4'"  . DT B 1 3 ? -5.263  -7.090  6.604   1.00 1.00 ? 11 DT B "H4'"  1 
ATOM 337 H "H3'"  . DT B 1 3 ? -2.812  -6.555  8.088   1.00 1.00 ? 11 DT B "H3'"  1 
ATOM 338 H "H2'"  . DT B 1 3 ? -2.191  -4.725  6.740   1.00 0.85 ? 11 DT B "H2'"  1 
ATOM 339 H "H2''" . DT B 1 3 ? -1.997  -5.911  5.470   1.00 0.85 ? 11 DT B "H2''" 1 
ATOM 340 H "H1'"  . DT B 1 3 ? -4.157  -5.530  4.614   1.00 1.00 ? 11 DT B "H1'"  1 
ATOM 341 H H3     . DT B 1 3 ? -4.331  -1.476  2.609   1.00 0.00 ? 11 DT B H3     1 
ATOM 342 H H71    . DT B 1 3 ? -2.285  0.415   6.556   1.00 0.65 ? 11 DT B H71    1 
ATOM 343 H H72    . DT B 1 3 ? -4.004  0.377   7.002   1.00 0.65 ? 11 DT B H72    1 
ATOM 344 H H73    . DT B 1 3 ? -2.859  -0.797  7.742   1.00 0.65 ? 11 DT B H73    1 
ATOM 345 H H6     . DT B 1 3 ? -3.092  -2.848  7.034   1.00 1.00 ? 11 DT B H6     1 
ATOM 346 P P      . DG B 1 4 ? -1.628  -8.564  6.156   1.00 0.00 ? 12 DG B P      1 
ATOM 347 O OP1    . DG B 1 4 ? -1.734  -10.029 6.242   1.00 0.00 ? 12 DG B OP1    1 
ATOM 348 O OP2    . DG B 1 4 ? -0.542  -7.874  6.893   1.00 0.00 ? 12 DG B OP2    1 
ATOM 349 O "O5'"  . DG B 1 4 ? -1.546  -8.121  4.612   1.00 0.00 ? 12 DG B "O5'"  1 
ATOM 350 C "C5'"  . DG B 1 4 ? -2.534  -8.613  3.682   1.00 0.00 ? 12 DG B "C5'"  1 
ATOM 351 C "C4'"  . DG B 1 4 ? -2.367  -7.999  2.309   1.00 0.00 ? 12 DG B "C4'"  1 
ATOM 352 O "O4'"  . DG B 1 4 ? -2.445  -6.561  2.410   1.00 0.00 ? 12 DG B "O4'"  1 
ATOM 353 C "C3'"  . DG B 1 4 ? -1.025  -8.337  1.687   1.00 0.00 ? 12 DG B "C3'"  1 
ATOM 354 O "O3'"  . DG B 1 4 ? -1.253  -8.899  0.389   1.00 0.00 ? 12 DG B "O3'"  1 
ATOM 355 C "C2'"  . DG B 1 4 ? -0.274  -7.026  1.681   1.00 0.00 ? 12 DG B "C2'"  1 
ATOM 356 C "C1'"  . DG B 1 4 ? -1.405  -6.028  1.557   1.00 0.00 ? 12 DG B "C1'"  1 
ATOM 357 N N9     . DG B 1 4 ? -1.046  -4.667  2.033   1.00 0.00 ? 12 DG B N9     1 
ATOM 358 C C8     . DG B 1 4 ? -0.588  -4.315  3.230   1.00 0.00 ? 12 DG B C8     1 
ATOM 359 N N7     . DG B 1 4 ? -0.562  -2.990  3.340   1.00 0.00 ? 12 DG B N7     1 
ATOM 360 C C5     . DG B 1 4 ? -0.998  -2.493  2.192   1.00 0.00 ? 12 DG B C5     1 
ATOM 361 C C6     . DG B 1 4 ? -1.112  -1.197  1.715   1.00 0.00 ? 12 DG B C6     1 
ATOM 362 O O6     . DG B 1 4 ? -0.923  -0.229  2.453   1.00 0.00 ? 12 DG B O6     1 
ATOM 363 N N1     . DG B 1 4 ? -1.507  -1.004  0.399   1.00 0.00 ? 12 DG B N1     1 
ATOM 364 C C2     . DG B 1 4 ? -1.796  -2.111  -0.410  1.00 0.00 ? 12 DG B C2     1 
ATOM 365 N N2     . DG B 1 4 ? -2.083  -1.936  -1.694  1.00 0.00 ? 12 DG B N2     1 
ATOM 366 N N3     . DG B 1 4 ? -1.695  -3.349  0.092   1.00 0.00 ? 12 DG B N3     1 
ATOM 367 C C4     . DG B 1 4 ? -1.302  -3.552  1.354   1.00 0.00 ? 12 DG B C4     1 
ATOM 368 H "H5'"  . DG B 1 4 ? -3.514  -8.374  4.059   1.00 1.00 ? 12 DG B "H5'"  1 
ATOM 369 H "H5''" . DG B 1 4 ? -2.436  -9.687  3.596   1.00 1.00 ? 12 DG B "H5''" 1 
ATOM 370 H "H4'"  . DG B 1 4 ? -3.152  -8.346  1.653   1.00 1.00 ? 12 DG B "H4'"  1 
ATOM 371 H "H3'"  . DG B 1 4 ? -0.462  -9.043  2.286   1.00 1.00 ? 12 DG B "H3'"  1 
ATOM 372 H "H2'"  . DG B 1 4 ? 0.290   -6.849  2.585   1.00 0.85 ? 12 DG B "H2'"  1 
ATOM 373 H "H2''" . DG B 1 4 ? 0.389   -6.930  0.832   1.00 0.85 ? 12 DG B "H2''" 1 
ATOM 374 H "H1'"  . DG B 1 4 ? -1.770  -5.962  0.539   1.00 1.00 ? 12 DG B "H1'"  1 
ATOM 375 H H8     . DG B 1 4 ? -0.159  -4.992  3.955   1.00 1.00 ? 12 DG B H8     1 
ATOM 376 H H1     . DG B 1 4 ? -1.596  -0.113  0.040   1.00 0.00 ? 12 DG B H1     1 
ATOM 377 H H21    . DG B 1 4 ? -2.145  -1.058  -2.057  1.00 0.00 ? 12 DG B H21    1 
ATOM 378 H H22    . DG B 1 4 ? -2.226  -2.703  -2.253  1.00 0.00 ? 12 DG B H22    1 
ATOM 379 P P      . DC B 1 5 ? -0.100  -9.245  -0.690  1.00 0.00 ? 13 DC B P      1 
ATOM 380 O OP1    . DC B 1 5 ? -0.569  -10.368 -1.526  1.00 0.00 ? 13 DC B OP1    1 
ATOM 381 O OP2    . DC B 1 5 ? 1.209   -9.354  -0.021  1.00 0.00 ? 13 DC B OP2    1 
ATOM 382 O "O5'"  . DC B 1 5 ? -0.105  -7.894  -1.570  1.00 0.00 ? 13 DC B "O5'"  1 
ATOM 383 C "C5'"  . DC B 1 5 ? -1.247  -7.555  -2.377  1.00 0.00 ? 13 DC B "C5'"  1 
ATOM 384 C "C4'"  . DC B 1 5 ? -0.989  -6.308  -3.190  1.00 0.00 ? 13 DC B "C4'"  1 
ATOM 385 O "O4'"  . DC B 1 5 ? -0.697  -5.193  -2.318  1.00 0.00 ? 13 DC B "O4'"  1 
ATOM 386 C "C3'"  . DC B 1 5 ? 0.205   -6.480  -4.116  1.00 0.00 ? 13 DC B "C3'"  1 
ATOM 387 O "O3'"  . DC B 1 5 ? -0.192  -6.146  -5.450  1.00 0.00 ? 13 DC B "O3'"  1 
ATOM 388 C "C2'"  . DC B 1 5 ? 1.260   -5.565  -3.551  1.00 0.00 ? 13 DC B "C2'"  1 
ATOM 389 C "C1'"  . DC B 1 5 ? 0.434   -4.499  -2.869  1.00 0.00 ? 13 DC B "C1'"  1 
ATOM 390 N N1     . DC B 1 5 ? 1.169   -3.850  -1.746  1.00 0.00 ? 13 DC B N1     1 
ATOM 391 C C2     . DC B 1 5 ? 1.217   -2.452  -1.650  1.00 0.00 ? 13 DC B C2     1 
ATOM 392 O O2     . DC B 1 5 ? 0.944   -1.745  -2.621  1.00 0.00 ? 13 DC B O2     1 
ATOM 393 N N3     . DC B 1 5 ? 1.719   -1.885  -0.547  1.00 0.00 ? 13 DC B N3     1 
ATOM 394 C C4     . DC B 1 5 ? 2.191   -2.592  0.477   1.00 0.00 ? 13 DC B C4     1 
ATOM 395 N N4     . DC B 1 5 ? 2.564   -1.971  1.588   1.00 0.00 ? 13 DC B N4     1 
ATOM 396 C C5     . DC B 1 5 ? 2.213   -3.976  0.422   1.00 0.00 ? 13 DC B C5     1 
ATOM 397 C C6     . DC B 1 5 ? 1.697   -4.613  -0.696  1.00 0.00 ? 13 DC B C6     1 
ATOM 398 H "H5'"  . DC B 1 5 ? -2.099  -7.394  -1.736  1.00 1.00 ? 13 DC B "H5'"  1 
ATOM 399 H "H5''" . DC B 1 5 ? -1.452  -8.367  -3.057  1.00 1.00 ? 13 DC B "H5''" 1 
ATOM 400 H "H4'"  . DC B 1 5 ? -1.857  -6.073  -3.797  1.00 1.00 ? 13 DC B "H4'"  1 
ATOM 401 H "H3'"  . DC B 1 5 ? 0.531   -7.508  -4.109  1.00 1.00 ? 13 DC B "H3'"  1 
ATOM 402 H "H2'"  . DC B 1 5 ? 1.907   -6.026  -2.804  1.00 0.85 ? 13 DC B "H2'"  1 
ATOM 403 H "H2''" . DC B 1 5 ? 1.888   -5.126  -4.316  1.00 0.85 ? 13 DC B "H2''" 1 
ATOM 404 H "H1'"  . DC B 1 5 ? 0.087   -3.735  -3.556  1.00 1.00 ? 13 DC B "H1'"  1 
ATOM 405 H H41    . DC B 1 5 ? 2.496   -1.008  1.637   1.00 0.00 ? 13 DC B H41    1 
ATOM 406 H H42    . DC B 1 5 ? 2.894   -2.465  2.341   1.00 0.00 ? 13 DC B H42    1 
ATOM 407 H H5     . DC B 1 5 ? 2.525   -4.561  1.267   1.00 1.00 ? 13 DC B H5     1 
ATOM 408 H H6     . DC B 1 5 ? 1.619   -5.678  -0.722  1.00 1.00 ? 13 DC B H6     1 
ATOM 409 P P      . DA B 1 6 ? 0.811   -6.043  -6.713  1.00 0.00 ? 14 DA B P      1 
ATOM 410 O OP1    . DA B 1 6 ? 0.042   -6.331  -7.943  1.00 0.00 ? 14 DA B OP1    1 
ATOM 411 O OP2    . DA B 1 6 ? 2.028   -6.842  -6.442  1.00 0.00 ? 14 DA B OP2    1 
ATOM 412 O "O5'"  . DA B 1 6 ? 1.209   -4.481  -6.675  1.00 0.00 ? 14 DA B "O5'"  1 
ATOM 413 C "C5'"  . DA B 1 6 ? 0.198   -3.495  -6.920  1.00 0.00 ? 14 DA B "C5'"  1 
ATOM 414 C "C4'"  . DA B 1 6 ? 0.768   -2.083  -6.966  1.00 0.00 ? 14 DA B "C4'"  1 
ATOM 415 O "O4'"  . DA B 1 6 ? 1.385   -1.747  -5.708  1.00 0.00 ? 14 DA B "O4'"  1 
ATOM 416 C "C3'"  . DA B 1 6 ? 1.851   -1.950  -8.031  1.00 0.00 ? 14 DA B "C3'"  1 
ATOM 417 O "O3'"  . DA B 1 6 ? 1.586   -0.772  -8.818  1.00 0.00 ? 14 DA B "O3'"  1 
ATOM 418 C "C2'"  . DA B 1 6 ? 3.140   -1.855  -7.250  1.00 0.00 ? 14 DA B "C2'"  1 
ATOM 419 C "C1'"  . DA B 1 6 ? 2.667   -1.153  -5.991  1.00 0.00 ? 14 DA B "C1'"  1 
ATOM 420 N N9     . DA B 1 6 ? 3.554   -1.394  -4.821  1.00 0.00 ? 14 DA B N9     1 
ATOM 421 C C8     . DA B 1 6 ? 3.779   -2.565  -4.236  1.00 0.00 ? 14 DA B C8     1 
ATOM 422 N N7     . DA B 1 6 ? 4.249   -2.387  -3.009  1.00 0.00 ? 14 DA B N7     1 
ATOM 423 C C5     . DA B 1 6 ? 4.359   -1.075  -2.823  1.00 0.00 ? 14 DA B C5     1 
ATOM 424 C C6     . DA B 1 6 ? 4.818   -0.305  -1.763  1.00 0.00 ? 14 DA B C6     1 
ATOM 425 N N6     . DA B 1 6 ? 5.107   -0.879  -0.595  1.00 0.00 ? 14 DA B N6     1 
ATOM 426 N N1     . DA B 1 6 ? 4.882   1.023   -1.910  1.00 0.00 ? 14 DA B N1     1 
ATOM 427 C C2     . DA B 1 6 ? 4.492   1.585   -3.045  1.00 0.00 ? 14 DA B C2     1 
ATOM 428 N N3     . DA B 1 6 ? 4.034   0.898   -4.065  1.00 0.00 ? 14 DA B N3     1 
ATOM 429 C C4     . DA B 1 6 ? 3.953   -0.442  -3.982  1.00 0.00 ? 14 DA B C4     1 
ATOM 430 H "H5'"  . DA B 1 6 ? -0.549  -3.531  -6.146  1.00 1.00 ? 14 DA B "H5'"  1 
ATOM 431 H "H5''" . DA B 1 6 ? -0.273  -3.700  -7.865  1.00 1.00 ? 14 DA B "H5''" 1 
ATOM 432 H "H4'"  . DA B 1 6 ? -0.025  -1.378  -7.175  1.00 1.00 ? 14 DA B "H4'"  1 
ATOM 433 H "H3'"  . DA B 1 6 ? 1.866   -2.797  -8.698  1.00 1.00 ? 14 DA B "H3'"  1 
ATOM 434 H "H2'"  . DA B 1 6 ? 3.565   -2.808  -6.982  1.00 0.85 ? 14 DA B "H2'"  1 
ATOM 435 H "H2''" . DA B 1 6 ? 3.899   -1.258  -7.736  1.00 0.85 ? 14 DA B "H2''" 1 
ATOM 436 H "H1'"  . DA B 1 6 ? 2.564   -0.084  -6.132  1.00 1.00 ? 14 DA B "H1'"  1 
ATOM 437 H H8     . DA B 1 6 ? 3.796   -3.502  -4.760  1.00 1.00 ? 14 DA B H8     1 
ATOM 438 H H61    . DA B 1 6 ? 5.375   -0.333  0.152   1.00 0.00 ? 14 DA B H61    1 
ATOM 439 H H62    . DA B 1 6 ? 5.015   -1.827  -0.499  1.00 0.00 ? 14 DA B H62    1 
ATOM 440 H H2     . DA B 1 6 ? 4.538   2.667   -3.128  1.00 1.00 ? 14 DA B H2     1 
ATOM 441 P P      . DT B 1 7 ? 2.351   -0.453  -10.194 1.00 0.00 ? 15 DT B P      1 
ATOM 442 O OP1    . DT B 1 7 ? 1.487   0.444   -11.013 1.00 0.00 ? 15 DT B OP1    1 
ATOM 443 O OP2    . DT B 1 7 ? 2.841   -1.709  -10.794 1.00 0.00 ? 15 DT B OP2    1 
ATOM 444 O "O5'"  . DT B 1 7 ? 3.629   0.376   -9.659  1.00 0.00 ? 15 DT B "O5'"  1 
ATOM 445 C "C5'"  . DT B 1 7 ? 3.488   1.746   -9.252  1.00 0.00 ? 15 DT B "C5'"  1 
ATOM 446 C "C4'"  . DT B 1 7 ? 4.741   2.204   -8.527  1.00 0.00 ? 15 DT B "C4'"  1 
ATOM 447 O "O4'"  . DT B 1 7 ? 4.993   1.447   -7.330  1.00 0.00 ? 15 DT B "O4'"  1 
ATOM 448 C "C3'"  . DT B 1 7 ? 5.982   2.064   -9.396  1.00 0.00 ? 15 DT B "C3'"  1 
ATOM 449 O "O3'"  . DT B 1 7 ? 6.351   3.368   -9.892  1.00 0.00 ? 15 DT B "O3'"  1 
ATOM 450 C "C2'"  . DT B 1 7 ? 7.027   1.485   -8.468  1.00 0.00 ? 15 DT B "C2'"  1 
ATOM 451 C "C1'"  . DT B 1 7 ? 6.393   1.628   -7.100  1.00 0.00 ? 15 DT B "C1'"  1 
ATOM 452 N N1     . DT B 1 7 ? 6.875   0.625   -6.105  1.00 0.00 ? 15 DT B N1     1 
ATOM 453 C C2     . DT B 1 7 ? 7.344   1.052   -4.860  1.00 0.00 ? 15 DT B C2     1 
ATOM 454 O O2     . DT B 1 7 ? 7.569   2.235   -4.617  1.00 0.00 ? 15 DT B O2     1 
ATOM 455 N N3     . DT B 1 7 ? 7.646   0.100   -3.886  1.00 0.00 ? 15 DT B N3     1 
ATOM 456 C C4     . DT B 1 7 ? 7.511   -1.265  -4.136  1.00 0.00 ? 15 DT B C4     1 
ATOM 457 O O4     . DT B 1 7 ? 7.720   -2.063  -3.224  1.00 0.00 ? 15 DT B O4     1 
ATOM 458 C C5     . DT B 1 7 ? 7.078   -1.687  -5.381  1.00 0.00 ? 15 DT B C5     1 
ATOM 459 C C7     . DT B 1 7 ? 7.024   -3.166  -5.775  1.00 0.00 ? 15 DT B C7     1 
ATOM 460 C C6     . DT B 1 7 ? 6.745   -0.754  -6.358  1.00 0.00 ? 15 DT B C6     1 
ATOM 461 H "H5'"  . DT B 1 7 ? 2.647   1.850   -8.584  1.00 1.00 ? 15 DT B "H5'"  1 
ATOM 462 H "H5''" . DT B 1 7 ? 3.336   2.368   -10.116 1.00 1.00 ? 15 DT B "H5''" 1 
ATOM 463 H "H4'"  . DT B 1 7 ? 4.633   3.242   -8.253  1.00 1.00 ? 15 DT B "H4'"  1 
ATOM 464 H "H3'"  . DT B 1 7 ? 5.823   1.402   -10.238 1.00 1.00 ? 15 DT B "H3'"  1 
ATOM 465 H "H2'"  . DT B 1 7 ? 7.228   0.451   -8.663  1.00 0.85 ? 15 DT B "H2'"  1 
ATOM 466 H "H2''" . DT B 1 7 ? 7.944   2.050   -8.495  1.00 0.85 ? 15 DT B "H2''" 1 
ATOM 467 H "H1'"  . DT B 1 7 ? 6.555   2.620   -6.673  1.00 1.00 ? 15 DT B "H1'"  1 
ATOM 468 H H3     . DT B 1 7 ? 7.948   0.399   -3.025  1.00 0.00 ? 15 DT B H3     1 
ATOM 469 H H71    . DT B 1 7 ? 7.993   -3.592  -5.579  1.00 0.65 ? 15 DT B H71    1 
ATOM 470 H H72    . DT B 1 7 ? 6.265   -3.643  -5.157  1.00 0.65 ? 15 DT B H72    1 
ATOM 471 H H73    . DT B 1 7 ? 6.767   -3.219  -6.816  1.00 0.65 ? 15 DT B H73    1 
ATOM 472 H H6     . DT B 1 7 ? 6.435   -1.105  -7.324  1.00 1.00 ? 15 DT B H6     1 
ATOM 473 P P      . DG B 1 8 ? 7.649   3.647   -10.817 1.00 0.00 ? 16 DG B P      1 
ATOM 474 O OP1    . DG B 1 8 ? 7.421   4.909   -11.554 1.00 0.00 ? 16 DG B OP1    1 
ATOM 475 O OP2    . DG B 1 8 ? 7.998   2.430   -11.577 1.00 0.00 ? 16 DG B OP2    1 
ATOM 476 O "O5'"  . DG B 1 8 ? 8.781   3.886   -9.697  1.00 0.00 ? 16 DG B "O5'"  1 
ATOM 477 C "C5'"  . DG B 1 8 ? 8.727   5.033   -8.843  1.00 0.00 ? 16 DG B "C5'"  1 
ATOM 478 C "C4'"  . DG B 1 8 ? 9.732   4.933   -7.706  1.00 0.00 ? 16 DG B "C4'"  1 
ATOM 479 O "O4'"  . DG B 1 8 ? 9.463   3.728   -6.954  1.00 0.00 ? 16 DG B "O4'"  1 
ATOM 480 C "C3'"  . DG B 1 8 ? 11.162  4.835   -8.212  1.00 0.00 ? 16 DG B "C3'"  1 
ATOM 481 O "O3'"  . DG B 1 8 ? 12.020  5.769   -7.531  1.00 0.00 ? 16 DG B "O3'"  1 
ATOM 482 C "C2'"  . DG B 1 8 ? 11.604  3.437   -7.836  1.00 0.00 ? 16 DG B "C2'"  1 
ATOM 483 C "C1'"  . DG B 1 8 ? 10.761  3.214   -6.608  1.00 0.00 ? 16 DG B "C1'"  1 
ATOM 484 N N9     . DG B 1 8 ? 10.677  1.802   -6.181  1.00 0.00 ? 16 DG B N9     1 
ATOM 485 C C8     . DG B 1 8 ? 10.298  0.730   -6.885  1.00 0.00 ? 16 DG B C8     1 
ATOM 486 N N7     . DG B 1 8 ? 10.306  -0.347  -6.114  1.00 0.00 ? 16 DG B N7     1 
ATOM 487 C C5     . DG B 1 8 ? 10.715  0.038   -4.907  1.00 0.00 ? 16 DG B C5     1 
ATOM 488 C C6     . DG B 1 8 ? 10.943  -0.646  -3.722  1.00 0.00 ? 16 DG B C6     1 
ATOM 489 O O6     . DG B 1 8 ? 10.691  -1.849  -3.650  1.00 0.00 ? 16 DG B O6     1 
ATOM 490 N N1     . DG B 1 8 ? 11.404  0.069   -2.624  1.00 0.00 ? 16 DG B N1     1 
ATOM 491 C C2     . DG B 1 8 ? 11.623  1.445   -2.725  1.00 0.00 ? 16 DG B C2     1 
ATOM 492 N N2     . DG B 1 8 ? 12.063  2.137   -1.683  1.00 0.00 ? 16 DG B N2     1 
ATOM 493 N N3     . DG B 1 8 ? 11.392  2.065   -3.874  1.00 0.00 ? 16 DG B N3     1 
ATOM 494 C C4     . DG B 1 8 ? 10.950  1.405   -4.950  1.00 0.00 ? 16 DG B C4     1 
ATOM 495 H "H5'"  . DG B 1 8 ? 7.732   5.134   -8.426  1.00 0.95 ? 16 DG B "H5'"  1 
ATOM 496 H "H5''" . DG B 1 8 ? 8.938   5.921   -9.421  1.00 0.95 ? 16 DG B "H5''" 1 
ATOM 497 H "H4'"  . DG B 1 8 ? 9.618   5.789   -7.053  1.00 0.95 ? 16 DG B "H4'"  1 
ATOM 498 H "H3'"  . DG B 1 8 ? 11.238  5.015   -9.274  1.00 0.90 ? 16 DG B "H3'"  1 
ATOM 499 H "HO3'" . DG B 1 8 ? 11.854  6.705   -7.598  1.00 0.00 ? 16 DG B "HO3'" 1 
ATOM 500 H "H2'"  . DG B 1 8 ? 11.378  2.672   -8.575  1.00 0.80 ? 16 DG B "H2'"  1 
ATOM 501 H "H2''" . DG B 1 8 ? 12.650  3.357   -7.570  1.00 0.80 ? 16 DG B "H2''" 1 
ATOM 502 H "H1'"  . DG B 1 8 ? 11.149  3.771   -5.770  1.00 0.90 ? 16 DG B "H1'"  1 
ATOM 503 H H8     . DG B 1 8 ? 10.115  0.723   -7.949  1.00 0.90 ? 16 DG B H8     1 
ATOM 504 H H1     . DG B 1 8 ? 11.562  -0.388  -1.793  1.00 0.00 ? 16 DG B H1     1 
ATOM 505 H H21    . DG B 1 8 ? 12.230  1.697   -0.849  1.00 0.00 ? 16 DG B H21    1 
ATOM 506 H H22    . DG B 1 8 ? 12.210  3.075   -1.763  1.00 0.00 ? 16 DG B H22    1 
# 
